data_3H12
#
_entry.id   3H12
#
_cell.length_a   116.148
_cell.length_b   116.148
_cell.length_c   128.136
_cell.angle_alpha   90.000
_cell.angle_beta   90.000
_cell.angle_gamma   90.000
#
_symmetry.space_group_name_H-M   'I 4'
#
loop_
_entity.id
_entity.type
_entity.pdbx_description
1 polymer 'mandelate racemase'
2 non-polymer 'SODIUM ION'
3 water water
#
_entity_poly.entity_id   1
_entity_poly.type   'polypeptide(L)'
_entity_poly.pdbx_seq_one_letter_code
;MSLKITEVKAHALSTPIPERMRVESGAGLKLNRQMILVEVRTDEGVTGVGSPSGPYDLAVLKRAIEDVIGPQLIGEDPAN
INYLWHKVFHGEVSRNLGHRSVGIAAMSGVDIALWDLKGRAMNQPIYQLLGGKFHTRGVRAYASSIYWDLTPDQAADELA
GWVEQGFTAAKLKVGRAPRKDAANLRAMRQRVGADVEILVDANQSLGRHDALAMLRILDEAGCYWFEEPLSIDDIEGHRI
LRAQGTPVRIATGENLYTRNAFNDYIRNDAIDVLQADASRAGGITEALAISASAASAHLAWNPHTFNDIITVAANLHLVA
ASPHPAMFEWDITHNDLMTRLASYDLKLENGLVQPPQGPGLGFEIDWDFVAAHAWKGEPAIGAGHGMKKEGHHHHHH
;
_entity_poly.pdbx_strand_id   A,B
#
loop_
_chem_comp.id
_chem_comp.type
_chem_comp.name
_chem_comp.formula
NA non-polymer 'SODIUM ION' 'Na 1'
#
# COMPACT_ATOMS: atom_id res chain seq x y z
N SER A 2 24.23 16.61 20.62
CA SER A 2 23.28 15.68 19.83
C SER A 2 23.92 15.35 18.51
N LEU A 3 23.55 14.22 17.93
CA LEU A 3 23.93 13.90 16.55
C LEU A 3 23.05 14.49 15.48
N LYS A 4 23.62 14.51 14.28
CA LYS A 4 22.90 14.88 13.07
C LYS A 4 23.09 13.76 12.04
N ILE A 5 21.97 13.31 11.43
CA ILE A 5 22.09 12.29 10.34
C ILE A 5 22.77 13.00 9.11
N THR A 6 23.69 12.30 8.46
CA THR A 6 24.43 12.88 7.31
C THR A 6 24.07 12.12 6.01
N GLU A 7 23.73 10.81 6.18
CA GLU A 7 23.44 9.97 5.00
C GLU A 7 22.47 8.85 5.39
N VAL A 8 21.62 8.52 4.43
CA VAL A 8 20.76 7.27 4.55
C VAL A 8 20.99 6.42 3.31
N LYS A 9 21.64 5.29 3.53
CA LYS A 9 22.08 4.44 2.42
C LYS A 9 21.32 3.11 2.39
N ALA A 10 21.07 2.59 1.18
CA ALA A 10 20.39 1.30 1.06
C ALA A 10 21.20 0.38 0.14
N HIS A 11 21.87 -0.61 0.72
CA HIS A 11 22.72 -1.60 -0.02
C HIS A 11 21.82 -2.75 -0.46
N ALA A 12 21.67 -2.87 -1.79
CA ALA A 12 20.88 -3.96 -2.35
C ALA A 12 21.79 -5.22 -2.38
N LEU A 13 21.36 -6.29 -1.72
CA LEU A 13 22.15 -7.56 -1.56
C LEU A 13 21.38 -8.75 -2.12
N SER A 14 22.06 -9.68 -2.78
CA SER A 14 21.39 -10.91 -3.20
C SER A 14 22.30 -12.08 -2.85
N THR A 15 21.69 -13.19 -2.49
CA THR A 15 22.46 -14.46 -2.14
C THR A 15 21.70 -15.54 -2.84
N PRO A 16 22.41 -16.51 -3.42
CA PRO A 16 21.72 -17.52 -4.24
C PRO A 16 21.02 -18.63 -3.42
N ILE A 17 20.14 -19.36 -4.14
CA ILE A 17 19.61 -20.59 -3.53
C ILE A 17 19.78 -21.74 -4.50
N PRO A 18 20.64 -22.73 -4.17
CA PRO A 18 20.75 -23.90 -5.09
C PRO A 18 19.39 -24.48 -5.49
N GLU A 19 19.23 -24.86 -6.75
CA GLU A 19 17.97 -25.37 -7.24
C GLU A 19 17.24 -26.39 -6.35
N ARG A 20 17.95 -27.42 -5.84
CA ARG A 20 17.24 -28.38 -5.00
C ARG A 20 16.81 -27.82 -3.68
N MET A 21 17.43 -26.72 -3.17
CA MET A 21 17.10 -26.18 -1.85
C MET A 21 15.97 -25.11 -2.01
N ARG A 22 15.49 -24.85 -3.23
CA ARG A 22 14.39 -23.82 -3.41
C ARG A 22 13.07 -24.46 -3.02
N VAL A 23 12.38 -23.80 -2.09
CA VAL A 23 11.06 -24.32 -1.64
C VAL A 23 9.95 -23.40 -2.18
N GLU A 24 8.71 -23.96 -2.15
CA GLU A 24 7.65 -23.22 -2.74
C GLU A 24 6.46 -23.19 -1.73
N SER A 25 5.81 -22.00 -1.69
CA SER A 25 4.55 -21.88 -0.87
C SER A 25 3.60 -21.11 -1.75
N GLY A 26 2.52 -20.62 -1.13
CA GLY A 26 1.58 -19.77 -1.97
C GLY A 26 2.19 -18.47 -2.36
N ALA A 27 3.28 -18.02 -1.73
CA ALA A 27 3.92 -16.78 -2.09
C ALA A 27 4.78 -16.97 -3.38
N GLY A 28 5.07 -18.21 -3.69
CA GLY A 28 5.78 -18.55 -4.99
C GLY A 28 7.06 -19.37 -4.62
N LEU A 29 7.83 -19.67 -5.69
CA LEU A 29 9.05 -20.53 -5.55
C LEU A 29 10.26 -19.58 -5.24
N LYS A 30 10.98 -19.88 -4.15
CA LYS A 30 12.04 -19.00 -3.73
C LYS A 30 13.21 -19.16 -4.73
N LEU A 31 13.78 -18.02 -5.10
CA LEU A 31 14.89 -18.08 -6.11
C LEU A 31 16.23 -17.55 -5.53
N ASN A 32 16.19 -16.37 -4.85
CA ASN A 32 17.38 -15.76 -4.24
C ASN A 32 16.95 -15.12 -2.94
N ARG A 33 17.74 -15.26 -1.91
CA ARG A 33 17.43 -14.53 -0.68
C ARG A 33 18.08 -13.17 -0.72
N GLN A 34 17.25 -12.12 -0.67
CA GLN A 34 17.70 -10.76 -0.87
C GLN A 34 17.36 -9.91 0.32
N MET A 35 17.99 -8.74 0.36
CA MET A 35 17.66 -7.72 1.35
C MET A 35 18.19 -6.40 0.87
N ILE A 36 17.67 -5.34 1.51
CA ILE A 36 18.35 -4.07 1.56
C ILE A 36 18.96 -3.99 2.94
N LEU A 37 20.26 -3.73 3.04
CA LEU A 37 20.88 -3.36 4.34
C LEU A 37 20.87 -1.79 4.38
N VAL A 38 20.05 -1.23 5.27
CA VAL A 38 20.02 0.21 5.40
C VAL A 38 21.17 0.59 6.33
N GLU A 39 21.78 1.72 6.02
CA GLU A 39 22.83 2.29 6.84
C GLU A 39 22.48 3.77 7.04
N VAL A 40 22.21 4.14 8.31
CA VAL A 40 22.04 5.55 8.66
C VAL A 40 23.35 6.04 9.31
N ARG A 41 23.91 7.06 8.69
CA ARG A 41 25.23 7.57 9.22
C ARG A 41 24.97 8.92 9.89
N THR A 42 25.87 9.30 10.82
CA THR A 42 25.74 10.59 11.48
C THR A 42 27.12 11.36 11.41
N ASP A 43 27.01 12.62 11.79
CA ASP A 43 28.20 13.43 11.81
C ASP A 43 29.28 12.94 12.76
N GLU A 44 28.98 12.29 13.88
CA GLU A 44 30.01 11.77 14.78
C GLU A 44 30.41 10.31 14.55
N GLY A 45 29.92 9.73 13.45
CA GLY A 45 30.37 8.39 13.06
C GLY A 45 29.61 7.27 13.76
N VAL A 46 28.47 7.60 14.42
CA VAL A 46 27.62 6.57 15.02
C VAL A 46 26.66 6.06 13.91
N THR A 47 26.71 4.76 13.59
CA THR A 47 25.89 4.27 12.47
C THR A 47 24.86 3.30 12.98
N GLY A 48 23.66 3.37 12.46
CA GLY A 48 22.70 2.30 12.68
C GLY A 48 22.44 1.52 11.39
N VAL A 49 22.08 0.25 11.54
CA VAL A 49 21.72 -0.56 10.33
C VAL A 49 20.32 -1.16 10.50
N GLY A 50 19.71 -1.49 9.40
CA GLY A 50 18.31 -2.05 9.46
C GLY A 50 18.05 -2.78 8.15
N SER A 51 16.83 -3.32 8.09
CA SER A 51 16.40 -4.08 6.91
C SER A 51 14.89 -3.86 6.74
N PRO A 52 14.39 -3.59 5.53
CA PRO A 52 12.94 -3.50 5.23
C PRO A 52 12.37 -4.78 4.73
N SER A 53 12.97 -5.91 5.12
CA SER A 53 12.39 -7.24 4.77
C SER A 53 12.29 -7.42 3.24
N GLY A 54 11.48 -8.37 2.86
CA GLY A 54 11.34 -8.80 1.45
C GLY A 54 10.53 -10.06 1.39
N PRO A 55 10.25 -10.55 0.19
CA PRO A 55 10.71 -10.00 -1.06
C PRO A 55 9.85 -8.76 -1.50
N TYR A 56 10.55 -7.72 -1.96
CA TYR A 56 9.97 -6.53 -2.55
C TYR A 56 11.13 -6.13 -3.48
N ASP A 57 10.81 -5.37 -4.49
CA ASP A 57 11.77 -5.16 -5.54
C ASP A 57 12.89 -4.30 -4.92
N LEU A 58 14.16 -4.69 -5.11
CA LEU A 58 15.23 -3.97 -4.43
C LEU A 58 15.45 -2.57 -4.96
N ALA A 59 15.23 -2.34 -6.29
CA ALA A 59 15.39 -0.98 -6.80
C ALA A 59 14.30 -0.12 -6.24
N VAL A 60 13.07 -0.60 -6.13
CA VAL A 60 12.01 0.25 -5.52
C VAL A 60 12.35 0.58 -4.06
N LEU A 61 12.83 -0.40 -3.32
CA LEU A 61 13.17 -0.15 -1.89
C LEU A 61 14.36 0.85 -1.81
N LYS A 62 15.39 0.67 -2.68
CA LYS A 62 16.57 1.56 -2.57
C LYS A 62 16.17 3.00 -2.86
N ARG A 63 15.33 3.16 -3.86
CA ARG A 63 14.95 4.55 -4.28
C ARG A 63 14.08 5.09 -3.11
N ALA A 64 13.10 4.31 -2.60
CA ALA A 64 12.28 4.85 -1.50
C ALA A 64 13.12 5.27 -0.32
N ILE A 65 14.07 4.43 0.07
CA ILE A 65 14.88 4.71 1.20
C ILE A 65 15.78 5.89 1.03
N GLU A 66 16.54 5.90 -0.07
CA GLU A 66 17.55 6.94 -0.21
C GLU A 66 16.96 8.26 -0.68
N ASP A 67 15.92 8.23 -1.48
CA ASP A 67 15.49 9.45 -2.24
C ASP A 67 14.14 9.91 -1.82
N VAL A 68 13.31 9.10 -1.10
CA VAL A 68 12.00 9.60 -0.70
C VAL A 68 12.10 9.83 0.84
N ILE A 69 12.45 8.76 1.55
CA ILE A 69 12.59 8.88 3.04
C ILE A 69 13.83 9.64 3.46
N GLY A 70 14.98 9.27 2.93
CA GLY A 70 16.27 9.82 3.41
C GLY A 70 16.28 11.34 3.39
N PRO A 71 15.75 12.01 2.37
CA PRO A 71 15.86 13.54 2.44
C PRO A 71 15.12 14.15 3.62
N GLN A 72 14.11 13.47 4.20
CA GLN A 72 13.38 13.96 5.37
C GLN A 72 14.18 13.77 6.67
N LEU A 73 15.28 12.98 6.59
CA LEU A 73 16.06 12.67 7.76
C LEU A 73 17.36 13.48 7.81
N ILE A 74 17.90 13.84 6.63
CA ILE A 74 19.22 14.47 6.64
C ILE A 74 19.19 15.74 7.44
N GLY A 75 20.20 15.89 8.30
CA GLY A 75 20.29 17.10 9.18
C GLY A 75 19.48 16.95 10.50
N GLU A 76 18.65 15.91 10.63
CA GLU A 76 17.88 15.75 11.85
C GLU A 76 18.63 14.99 12.92
N ASP A 77 18.22 15.20 14.15
CA ASP A 77 18.75 14.46 15.32
C ASP A 77 18.11 13.05 15.23
N PRO A 78 18.91 11.94 15.05
CA PRO A 78 18.32 10.61 14.94
C PRO A 78 17.65 10.20 16.26
N ALA A 79 17.94 10.87 17.40
CA ALA A 79 17.40 10.42 18.67
C ALA A 79 15.86 10.52 18.72
N ASN A 80 15.29 11.42 17.90
CA ASN A 80 13.77 11.60 17.95
C ASN A 80 13.11 10.66 16.93
N ILE A 81 13.21 9.37 17.23
CA ILE A 81 12.64 8.39 16.30
C ILE A 81 11.13 8.57 16.13
N ASN A 82 10.43 8.86 17.27
CA ASN A 82 8.98 9.03 17.19
C ASN A 82 8.58 10.18 16.29
N TYR A 83 9.21 11.34 16.48
CA TYR A 83 8.99 12.44 15.51
C TYR A 83 9.34 12.06 14.09
N LEU A 84 10.49 11.44 13.86
CA LEU A 84 10.89 11.13 12.45
C LEU A 84 9.93 10.14 11.78
N TRP A 85 9.37 9.23 12.56
CA TRP A 85 8.47 8.25 11.93
C TRP A 85 7.27 9.02 11.31
N HIS A 86 6.66 9.87 12.15
CA HIS A 86 5.49 10.63 11.69
C HIS A 86 5.85 11.66 10.71
N LYS A 87 7.03 12.30 10.77
CA LYS A 87 7.41 13.27 9.74
C LYS A 87 7.49 12.58 8.40
N VAL A 88 8.04 11.35 8.37
CA VAL A 88 8.19 10.67 7.09
C VAL A 88 6.81 10.16 6.59
N PHE A 89 5.97 9.59 7.47
CA PHE A 89 4.69 9.03 7.08
C PHE A 89 3.80 10.14 6.51
N HIS A 90 3.63 11.23 7.23
CA HIS A 90 2.75 12.30 6.77
C HIS A 90 3.36 13.16 5.70
N GLY A 91 4.70 13.34 5.74
CA GLY A 91 5.31 14.21 4.72
C GLY A 91 5.42 13.59 3.38
N GLU A 92 5.66 12.28 3.34
CA GLU A 92 5.85 11.61 2.06
C GLU A 92 5.11 10.26 1.87
N VAL A 93 5.29 9.34 2.82
CA VAL A 93 5.17 7.92 2.41
C VAL A 93 3.67 7.56 2.25
N SER A 94 2.80 7.98 3.21
CA SER A 94 1.38 7.59 3.05
C SER A 94 0.80 7.95 1.68
N ARG A 95 0.83 9.24 1.34
CA ARG A 95 0.30 9.65 0.07
C ARG A 95 1.11 9.19 -1.12
N ASN A 96 2.43 9.36 -1.01
CA ASN A 96 3.21 9.32 -2.26
C ASN A 96 3.78 7.94 -2.49
N LEU A 97 3.67 7.02 -1.52
CA LEU A 97 4.00 5.60 -1.84
C LEU A 97 2.82 4.66 -1.53
N GLY A 98 1.76 5.22 -0.89
CA GLY A 98 0.51 4.41 -0.63
C GLY A 98 0.54 4.02 0.88
N HIS A 99 -0.63 4.06 1.51
CA HIS A 99 -0.68 3.83 2.94
C HIS A 99 -0.39 2.40 3.45
N ARG A 100 -0.49 1.39 2.57
CA ARG A 100 -0.25 -0.05 2.97
C ARG A 100 0.64 -0.64 1.92
N SER A 101 1.97 -0.30 2.00
CA SER A 101 2.84 -0.40 0.79
C SER A 101 4.23 -0.77 1.10
N VAL A 102 4.95 -1.07 -0.01
CA VAL A 102 6.41 -1.20 0.09
C VAL A 102 7.09 0.06 0.68
N GLY A 103 6.45 1.23 0.60
CA GLY A 103 6.96 2.43 1.31
C GLY A 103 6.93 2.26 2.83
N ILE A 104 5.87 1.58 3.34
CA ILE A 104 5.87 1.32 4.81
C ILE A 104 6.97 0.32 5.19
N ALA A 105 7.25 -0.71 4.33
CA ALA A 105 8.40 -1.59 4.58
C ALA A 105 9.70 -0.74 4.57
N ALA A 106 9.81 0.13 3.57
CA ALA A 106 11.02 0.98 3.54
C ALA A 106 11.21 1.75 4.83
N MET A 107 10.09 2.37 5.28
CA MET A 107 10.13 3.11 6.59
C MET A 107 10.57 2.23 7.65
N SER A 108 10.16 0.94 7.64
CA SER A 108 10.43 0.03 8.75
C SER A 108 11.94 -0.20 8.80
N GLY A 109 12.55 -0.39 7.64
CA GLY A 109 14.02 -0.66 7.60
C GLY A 109 14.78 0.55 8.18
N VAL A 110 14.36 1.79 7.84
CA VAL A 110 15.01 3.00 8.38
C VAL A 110 14.70 3.12 9.88
N ASP A 111 13.45 2.80 10.31
CA ASP A 111 13.13 2.89 11.71
C ASP A 111 14.00 1.92 12.52
N ILE A 112 14.15 0.69 11.98
CA ILE A 112 15.07 -0.32 12.68
C ILE A 112 16.49 0.29 12.85
N ALA A 113 16.94 0.88 11.74
CA ALA A 113 18.33 1.47 11.81
C ALA A 113 18.39 2.56 12.82
N LEU A 114 17.34 3.38 12.97
CA LEU A 114 17.34 4.43 14.02
C LEU A 114 17.38 3.82 15.45
N TRP A 115 16.63 2.72 15.69
CA TRP A 115 16.70 2.06 16.96
C TRP A 115 18.08 1.46 17.20
N ASP A 116 18.64 0.84 16.16
CA ASP A 116 19.95 0.25 16.29
C ASP A 116 20.98 1.38 16.62
N LEU A 117 20.92 2.53 15.90
CA LEU A 117 21.79 3.66 16.19
C LEU A 117 21.59 4.10 17.64
N LYS A 118 20.32 4.21 18.09
CA LYS A 118 20.09 4.70 19.45
C LYS A 118 20.67 3.73 20.52
N GLY A 119 20.50 2.43 20.33
CA GLY A 119 21.08 1.47 21.24
C GLY A 119 22.63 1.52 21.22
N ARG A 120 23.20 1.69 20.03
CA ARG A 120 24.67 1.79 19.93
C ARG A 120 25.10 3.07 20.61
N ALA A 121 24.40 4.18 20.42
CA ALA A 121 24.70 5.48 21.12
C ALA A 121 24.68 5.29 22.64
N MET A 122 23.72 4.50 23.18
CA MET A 122 23.53 4.30 24.61
C MET A 122 24.34 3.12 25.18
N ASN A 123 24.96 2.34 24.32
CA ASN A 123 25.62 1.09 24.71
C ASN A 123 24.78 0.02 25.36
N GLN A 124 23.59 -0.12 24.79
CA GLN A 124 22.58 -1.02 25.28
C GLN A 124 21.92 -1.75 24.15
N PRO A 125 21.59 -3.05 24.35
CA PRO A 125 20.75 -3.73 23.33
C PRO A 125 19.33 -3.12 23.32
N ILE A 126 18.73 -3.18 22.16
CA ILE A 126 17.37 -2.59 22.02
C ILE A 126 16.37 -3.10 23.11
N TYR A 127 16.40 -4.40 23.45
CA TYR A 127 15.38 -4.86 24.43
C TYR A 127 15.51 -4.15 25.74
N GLN A 128 16.70 -3.64 26.11
CA GLN A 128 16.83 -2.93 27.39
C GLN A 128 16.10 -1.58 27.33
N LEU A 129 16.17 -0.90 26.16
CA LEU A 129 15.48 0.37 25.97
C LEU A 129 13.98 0.19 26.08
N LEU A 130 13.49 -0.99 25.62
CA LEU A 130 12.06 -1.28 25.60
C LEU A 130 11.54 -1.70 26.93
N GLY A 131 12.30 -1.52 27.96
CA GLY A 131 11.88 -1.92 29.32
C GLY A 131 12.40 -3.25 29.79
N GLY A 132 13.41 -3.79 29.10
CA GLY A 132 14.02 -5.04 29.48
C GLY A 132 13.14 -6.24 29.14
N LYS A 133 13.62 -7.45 29.55
CA LYS A 133 12.90 -8.64 29.19
C LYS A 133 11.56 -8.78 29.97
N PHE A 134 10.59 -9.34 29.27
CA PHE A 134 9.48 -10.09 29.90
C PHE A 134 9.92 -11.57 29.94
N HIS A 135 10.49 -12.06 28.80
CA HIS A 135 10.82 -13.50 28.67
C HIS A 135 12.26 -13.71 29.26
N THR A 136 12.33 -13.73 30.57
CA THR A 136 13.64 -13.73 31.19
C THR A 136 14.33 -15.05 30.90
N ARG A 137 13.62 -16.17 30.73
CA ARG A 137 14.25 -17.49 30.50
C ARG A 137 14.70 -17.59 29.00
N GLY A 138 13.87 -17.10 28.08
CA GLY A 138 14.19 -17.16 26.66
C GLY A 138 12.89 -17.15 25.92
N VAL A 139 13.07 -17.22 24.59
CA VAL A 139 11.96 -17.05 23.67
C VAL A 139 11.72 -18.34 22.87
N ARG A 140 10.51 -18.89 23.05
CA ARG A 140 10.17 -20.20 22.37
C ARG A 140 10.05 -19.97 20.88
N ALA A 141 10.87 -20.72 20.07
CA ALA A 141 10.91 -20.53 18.60
C ALA A 141 10.17 -21.64 17.85
N TYR A 142 9.79 -21.39 16.59
CA TYR A 142 9.32 -22.50 15.80
C TYR A 142 10.12 -22.52 14.55
N ALA A 143 10.22 -23.74 13.97
CA ALA A 143 11.00 -23.90 12.73
C ALA A 143 10.05 -23.53 11.54
N SER A 144 10.47 -22.52 10.75
CA SER A 144 9.69 -22.00 9.62
C SER A 144 10.50 -22.37 8.34
N SER A 145 10.04 -23.26 7.47
CA SER A 145 8.79 -24.02 7.52
C SER A 145 9.03 -25.29 6.82
N ILE A 146 8.02 -26.13 6.82
CA ILE A 146 8.00 -27.36 6.02
C ILE A 146 7.10 -26.98 4.83
N TYR A 147 7.65 -27.14 3.62
CA TYR A 147 7.03 -26.56 2.47
C TYR A 147 6.16 -27.51 1.60
N TRP A 148 5.62 -27.01 0.44
CA TRP A 148 4.84 -27.82 -0.48
C TRP A 148 5.67 -28.96 -1.11
N ASP A 149 4.97 -29.84 -1.76
CA ASP A 149 5.58 -30.87 -2.64
C ASP A 149 6.05 -32.12 -1.85
N LEU A 150 5.56 -32.30 -0.62
CA LEU A 150 6.01 -33.42 0.21
C LEU A 150 4.93 -34.48 0.29
N THR A 151 5.32 -35.71 0.50
CA THR A 151 4.37 -36.73 0.87
C THR A 151 4.13 -36.69 2.38
N PRO A 152 3.09 -37.40 2.94
CA PRO A 152 2.83 -37.36 4.38
C PRO A 152 4.03 -37.93 5.20
N ASP A 153 4.68 -39.02 4.73
CA ASP A 153 5.76 -39.52 5.50
C ASP A 153 6.93 -38.49 5.45
N GLN A 154 7.12 -37.82 4.32
CA GLN A 154 8.18 -36.79 4.26
C GLN A 154 7.91 -35.64 5.23
N ALA A 155 6.67 -35.20 5.26
CA ALA A 155 6.34 -34.04 6.17
C ALA A 155 6.47 -34.48 7.58
N ALA A 156 6.08 -35.73 7.93
CA ALA A 156 6.29 -36.16 9.27
C ALA A 156 7.77 -36.33 9.65
N ASP A 157 8.56 -36.80 8.66
CA ASP A 157 9.99 -36.89 8.94
C ASP A 157 10.67 -35.58 9.05
N GLU A 158 10.25 -34.59 8.29
CA GLU A 158 10.84 -33.24 8.46
C GLU A 158 10.45 -32.67 9.81
N LEU A 159 9.19 -32.82 10.19
CA LEU A 159 8.81 -32.37 11.58
C LEU A 159 9.63 -33.03 12.71
N ALA A 160 9.75 -34.39 12.63
CA ALA A 160 10.49 -35.09 13.67
C ALA A 160 11.97 -34.64 13.68
N GLY A 161 12.52 -34.33 12.49
CA GLY A 161 13.87 -33.73 12.43
C GLY A 161 14.03 -32.40 13.11
N TRP A 162 13.07 -31.51 12.95
CA TRP A 162 13.14 -30.25 13.68
C TRP A 162 12.99 -30.48 15.18
N VAL A 163 12.12 -31.41 15.59
CA VAL A 163 11.98 -31.76 16.99
C VAL A 163 13.34 -32.29 17.55
N GLU A 164 14.01 -33.11 16.72
CA GLU A 164 15.29 -33.66 17.19
C GLU A 164 16.33 -32.58 17.36
N GLN A 165 16.23 -31.52 16.56
CA GLN A 165 17.16 -30.38 16.65
C GLN A 165 16.84 -29.51 17.87
N GLY A 166 15.74 -29.71 18.56
CA GLY A 166 15.43 -28.85 19.72
C GLY A 166 14.19 -27.96 19.57
N PHE A 167 13.58 -27.90 18.37
CA PHE A 167 12.34 -27.11 18.28
C PHE A 167 11.16 -27.81 18.96
N THR A 168 10.32 -27.00 19.61
CA THR A 168 9.10 -27.55 20.24
C THR A 168 7.85 -27.19 19.36
N ALA A 169 8.10 -26.66 18.14
CA ALA A 169 7.00 -26.21 17.26
C ALA A 169 7.58 -26.06 15.85
N ALA A 170 6.72 -26.21 14.86
CA ALA A 170 7.12 -25.92 13.49
C ALA A 170 5.93 -25.64 12.62
N LYS A 171 6.13 -25.09 11.44
CA LYS A 171 5.04 -24.61 10.56
C LYS A 171 5.00 -25.32 9.26
N LEU A 172 3.80 -25.73 8.83
CA LEU A 172 3.61 -26.37 7.57
C LEU A 172 2.94 -25.41 6.61
N LYS A 173 3.44 -25.33 5.38
CA LYS A 173 2.77 -24.57 4.33
C LYS A 173 1.76 -25.42 3.61
N VAL A 174 0.60 -24.79 3.34
CA VAL A 174 -0.57 -25.56 2.78
C VAL A 174 -1.23 -24.67 1.71
N GLY A 175 -2.18 -25.29 0.94
CA GLY A 175 -3.07 -24.44 0.17
C GLY A 175 -3.13 -24.88 -1.26
N ARG A 176 -2.14 -25.61 -1.73
CA ARG A 176 -2.19 -25.99 -3.18
C ARG A 176 -3.11 -27.26 -3.30
N ALA A 177 -2.96 -28.20 -2.38
CA ALA A 177 -3.69 -29.45 -2.52
C ALA A 177 -4.22 -29.86 -1.18
N PRO A 178 -5.39 -29.34 -0.79
CA PRO A 178 -5.85 -29.51 0.57
C PRO A 178 -5.99 -30.96 1.06
N ARG A 179 -6.37 -31.95 0.21
CA ARG A 179 -6.31 -33.36 0.65
C ARG A 179 -4.90 -33.85 1.06
N LYS A 180 -3.93 -33.36 0.32
CA LYS A 180 -2.54 -33.72 0.68
C LYS A 180 -2.11 -32.98 1.94
N ASP A 181 -2.53 -31.71 2.06
CA ASP A 181 -2.20 -31.00 3.29
C ASP A 181 -2.75 -31.70 4.48
N ALA A 182 -4.02 -32.13 4.41
CA ALA A 182 -4.60 -32.83 5.56
C ALA A 182 -3.90 -34.13 5.91
N ALA A 183 -3.57 -34.89 4.83
CA ALA A 183 -2.84 -36.14 5.10
C ALA A 183 -1.42 -35.87 5.77
N ASN A 184 -0.81 -34.79 5.30
CA ASN A 184 0.53 -34.36 5.91
C ASN A 184 0.33 -34.06 7.42
N LEU A 185 -0.71 -33.25 7.73
CA LEU A 185 -0.98 -32.96 9.17
C LEU A 185 -1.24 -34.13 10.01
N ARG A 186 -2.05 -35.05 9.46
CA ARG A 186 -2.44 -36.23 10.23
C ARG A 186 -1.18 -37.01 10.52
N ALA A 187 -0.31 -37.17 9.51
CA ALA A 187 0.91 -37.96 9.70
C ALA A 187 1.84 -37.28 10.68
N MET A 188 1.91 -35.95 10.60
CA MET A 188 2.77 -35.17 11.51
C MET A 188 2.36 -35.26 12.94
N ARG A 189 1.05 -35.12 13.20
CA ARG A 189 0.56 -35.17 14.58
C ARG A 189 0.74 -36.57 15.14
N GLN A 190 0.53 -37.58 14.29
CA GLN A 190 0.71 -38.98 14.73
C GLN A 190 2.14 -39.22 15.14
N ARG A 191 3.05 -38.59 14.43
CA ARG A 191 4.46 -38.81 14.66
CA ARG A 191 4.47 -38.79 14.66
C ARG A 191 4.99 -38.19 15.95
N VAL A 192 4.60 -36.96 16.28
CA VAL A 192 5.19 -36.29 17.38
C VAL A 192 4.41 -36.31 18.67
N GLY A 193 3.16 -36.70 18.58
CA GLY A 193 2.30 -36.66 19.76
C GLY A 193 1.67 -35.29 20.06
N ALA A 194 1.13 -35.11 21.27
CA ALA A 194 0.39 -33.89 21.53
C ALA A 194 1.13 -32.62 21.99
N ASP A 195 2.35 -32.66 22.55
CA ASP A 195 3.00 -31.41 23.07
C ASP A 195 3.77 -30.51 22.05
N VAL A 196 4.05 -31.07 20.91
CA VAL A 196 4.77 -30.25 19.85
C VAL A 196 3.69 -29.43 19.15
N GLU A 197 3.94 -28.14 18.96
CA GLU A 197 2.90 -27.35 18.33
C GLU A 197 3.07 -27.41 16.82
N ILE A 198 1.99 -27.54 16.04
CA ILE A 198 2.00 -27.58 14.61
C ILE A 198 1.20 -26.35 14.11
N LEU A 199 1.90 -25.46 13.40
CA LEU A 199 1.29 -24.21 12.82
C LEU A 199 1.04 -24.50 11.37
N VAL A 200 0.02 -23.85 10.78
CA VAL A 200 -0.28 -24.05 9.35
C VAL A 200 -0.37 -22.70 8.73
N ASP A 201 0.11 -22.56 7.48
CA ASP A 201 0.17 -21.22 6.81
C ASP A 201 -0.22 -21.43 5.35
N ALA A 202 -1.36 -20.84 4.93
CA ALA A 202 -1.82 -21.00 3.53
C ALA A 202 -1.43 -19.91 2.61
N ASN A 203 -0.66 -18.89 3.10
CA ASN A 203 -0.19 -17.78 2.23
C ASN A 203 -1.32 -17.27 1.30
N GLN A 204 -2.45 -17.03 1.93
CA GLN A 204 -3.67 -16.42 1.25
C GLN A 204 -4.20 -17.26 0.11
N SER A 205 -3.91 -18.57 0.12
CA SER A 205 -4.16 -19.31 -1.13
C SER A 205 -5.57 -19.96 -1.15
N LEU A 206 -6.39 -19.80 -0.12
CA LEU A 206 -7.71 -20.47 -0.05
C LEU A 206 -8.83 -19.40 -0.10
N GLY A 207 -9.97 -19.84 -0.66
CA GLY A 207 -11.29 -19.14 -0.46
C GLY A 207 -11.92 -19.51 0.82
N ARG A 208 -12.99 -18.81 1.13
CA ARG A 208 -13.67 -19.01 2.46
C ARG A 208 -14.14 -20.44 2.73
N HIS A 209 -14.79 -21.07 1.72
CA HIS A 209 -15.36 -22.42 1.98
C HIS A 209 -14.27 -23.44 2.12
N ASP A 210 -13.23 -23.35 1.28
CA ASP A 210 -12.16 -24.31 1.49
C ASP A 210 -11.39 -24.02 2.81
N ALA A 211 -11.32 -22.76 3.22
CA ALA A 211 -10.64 -22.50 4.53
C ALA A 211 -11.49 -23.01 5.68
N LEU A 212 -12.85 -22.96 5.54
CA LEU A 212 -13.73 -23.51 6.61
C LEU A 212 -13.47 -25.06 6.70
N ALA A 213 -13.32 -25.69 5.54
CA ALA A 213 -13.11 -27.17 5.48
C ALA A 213 -11.72 -27.45 6.08
N MET A 214 -10.73 -26.61 5.79
CA MET A 214 -9.39 -26.86 6.32
C MET A 214 -9.36 -26.61 7.81
N LEU A 215 -10.09 -25.58 8.28
CA LEU A 215 -10.07 -25.28 9.74
C LEU A 215 -10.63 -26.53 10.51
N ARG A 216 -11.62 -27.28 9.99
CA ARG A 216 -12.10 -28.50 10.70
C ARG A 216 -10.95 -29.51 10.88
N ILE A 217 -10.13 -29.62 9.82
CA ILE A 217 -8.95 -30.58 9.91
C ILE A 217 -7.90 -30.07 10.90
N LEU A 218 -7.65 -28.76 10.88
CA LEU A 218 -6.62 -28.16 11.83
C LEU A 218 -7.10 -28.36 13.23
N ASP A 219 -8.44 -28.17 13.46
CA ASP A 219 -8.96 -28.39 14.83
C ASP A 219 -8.78 -29.85 15.23
N GLU A 220 -9.14 -30.78 14.38
CA GLU A 220 -8.93 -32.21 14.73
C GLU A 220 -7.45 -32.46 15.03
N ALA A 221 -6.56 -31.88 14.27
CA ALA A 221 -5.11 -32.11 14.50
C ALA A 221 -4.51 -31.22 15.59
N GLY A 222 -5.36 -30.46 16.28
CA GLY A 222 -4.88 -29.70 17.46
C GLY A 222 -3.86 -28.64 17.04
N CYS A 223 -4.03 -28.04 15.85
CA CYS A 223 -3.01 -27.07 15.36
C CYS A 223 -3.06 -25.73 16.15
N TYR A 224 -1.89 -25.10 16.28
CA TYR A 224 -1.83 -23.88 17.11
C TYR A 224 -2.42 -22.67 16.40
N TRP A 225 -2.14 -22.50 15.09
CA TRP A 225 -2.75 -21.36 14.39
C TRP A 225 -2.86 -21.71 12.92
N PHE A 226 -3.72 -20.93 12.24
CA PHE A 226 -3.97 -20.98 10.79
C PHE A 226 -3.68 -19.59 10.31
N GLU A 227 -2.50 -19.50 9.66
CA GLU A 227 -1.91 -18.24 9.17
C GLU A 227 -2.19 -17.97 7.73
N GLU A 228 -2.52 -16.70 7.51
CA GLU A 228 -2.94 -16.17 6.16
C GLU A 228 -3.88 -17.21 5.50
N PRO A 229 -5.00 -17.60 6.16
CA PRO A 229 -5.92 -18.60 5.59
C PRO A 229 -6.58 -18.08 4.32
N LEU A 230 -6.73 -16.73 4.19
CA LEU A 230 -7.51 -16.14 3.08
C LEU A 230 -6.70 -14.87 2.66
N SER A 231 -7.07 -14.30 1.49
CA SER A 231 -6.60 -12.96 1.15
C SER A 231 -6.66 -12.04 2.33
N ILE A 232 -5.59 -11.28 2.55
CA ILE A 232 -5.59 -10.25 3.59
C ILE A 232 -6.64 -9.18 3.34
N ASP A 233 -7.18 -9.15 2.13
CA ASP A 233 -8.20 -8.15 1.76
C ASP A 233 -9.59 -8.56 2.26
N ASP A 234 -9.74 -9.86 2.72
CA ASP A 234 -11.11 -10.30 3.10
C ASP A 234 -11.21 -10.35 4.66
N ILE A 235 -11.42 -9.20 5.29
CA ILE A 235 -11.50 -9.23 6.76
C ILE A 235 -12.69 -10.06 7.25
N GLU A 236 -13.83 -9.94 6.61
CA GLU A 236 -15.06 -10.67 7.06
C GLU A 236 -14.83 -12.19 6.97
N GLY A 237 -14.09 -12.66 5.97
CA GLY A 237 -13.86 -14.13 5.96
C GLY A 237 -13.05 -14.57 7.17
N HIS A 238 -12.08 -13.75 7.61
CA HIS A 238 -11.31 -14.12 8.81
C HIS A 238 -12.26 -14.11 10.04
N ARG A 239 -13.19 -13.16 10.09
CA ARG A 239 -14.18 -13.18 11.20
C ARG A 239 -14.97 -14.48 11.17
N ILE A 240 -15.41 -14.90 9.97
CA ILE A 240 -16.20 -16.15 9.83
C ILE A 240 -15.39 -17.32 10.35
N LEU A 241 -14.12 -17.40 10.01
CA LEU A 241 -13.33 -18.55 10.53
C LEU A 241 -13.17 -18.45 12.09
N ARG A 242 -12.89 -17.22 12.62
CA ARG A 242 -12.77 -17.09 14.06
C ARG A 242 -14.06 -17.42 14.77
N ALA A 243 -15.16 -17.04 14.16
CA ALA A 243 -16.51 -17.27 14.75
C ALA A 243 -16.88 -18.76 14.86
N GLN A 244 -16.07 -19.69 14.29
CA GLN A 244 -16.34 -21.08 14.51
C GLN A 244 -15.96 -21.46 15.94
N GLY A 245 -15.22 -20.63 16.65
CA GLY A 245 -15.03 -20.93 18.11
C GLY A 245 -14.14 -22.12 18.37
N THR A 246 -13.23 -22.40 17.40
CA THR A 246 -12.28 -23.55 17.62
C THR A 246 -11.09 -23.05 18.49
N PRO A 247 -10.31 -24.03 19.01
CA PRO A 247 -9.07 -23.65 19.72
C PRO A 247 -7.96 -23.28 18.77
N VAL A 248 -8.17 -23.24 17.45
CA VAL A 248 -7.11 -22.91 16.50
C VAL A 248 -7.16 -21.40 16.30
N ARG A 249 -6.00 -20.74 16.50
CA ARG A 249 -5.95 -19.30 16.41
C ARG A 249 -5.95 -18.89 14.96
N ILE A 250 -6.73 -17.82 14.60
CA ILE A 250 -6.59 -17.25 13.23
C ILE A 250 -5.48 -16.18 13.29
N ALA A 251 -4.49 -16.32 12.40
CA ALA A 251 -3.30 -15.45 12.46
C ALA A 251 -3.07 -14.82 11.10
N THR A 252 -2.76 -13.53 11.04
CA THR A 252 -2.30 -12.96 9.80
C THR A 252 -1.50 -11.71 10.19
N GLY A 253 -0.64 -11.26 9.26
CA GLY A 253 -0.13 -9.88 9.45
C GLY A 253 1.17 -9.58 8.62
N GLU A 254 1.84 -10.60 8.07
CA GLU A 254 3.02 -10.20 7.30
C GLU A 254 2.72 -9.27 6.15
N ASN A 255 1.51 -9.27 5.58
CA ASN A 255 1.20 -8.45 4.44
C ASN A 255 0.18 -7.35 4.75
N LEU A 256 0.04 -7.12 6.04
CA LEU A 256 -0.84 -5.96 6.57
C LEU A 256 0.12 -4.91 7.11
N TYR A 257 -0.25 -3.60 6.99
CA TYR A 257 0.72 -2.53 7.28
C TYR A 257 0.09 -1.57 8.27
N THR A 258 0.95 -1.15 9.18
CA THR A 258 0.58 -0.20 10.22
C THR A 258 -0.46 -0.70 11.23
N ARG A 259 -0.49 0.01 12.41
CA ARG A 259 -1.48 -0.39 13.39
C ARG A 259 -2.96 -0.24 12.90
N ASN A 260 -3.14 0.57 11.83
CA ASN A 260 -4.52 0.76 11.28
C ASN A 260 -5.06 -0.48 10.70
N ALA A 261 -4.19 -1.30 10.05
CA ALA A 261 -4.75 -2.54 9.47
C ALA A 261 -5.21 -3.53 10.53
N PHE A 262 -4.41 -3.58 11.59
CA PHE A 262 -4.69 -4.50 12.72
C PHE A 262 -5.87 -4.02 13.53
N ASN A 263 -6.02 -2.71 13.67
CA ASN A 263 -7.21 -2.23 14.32
C ASN A 263 -8.48 -2.58 13.54
N ASP A 264 -8.45 -2.54 12.18
CA ASP A 264 -9.61 -2.98 11.45
C ASP A 264 -9.92 -4.47 11.67
N TYR A 265 -8.92 -5.33 11.75
CA TYR A 265 -9.20 -6.72 12.07
C TYR A 265 -9.75 -6.92 13.50
N ILE A 266 -9.17 -6.20 14.47
CA ILE A 266 -9.67 -6.30 15.85
C ILE A 266 -11.15 -5.84 15.98
N ARG A 267 -11.42 -4.67 15.36
CA ARG A 267 -12.76 -4.09 15.49
CA ARG A 267 -12.77 -4.04 15.35
C ARG A 267 -13.78 -5.01 14.82
N ASN A 268 -13.36 -5.90 13.88
CA ASN A 268 -14.29 -6.81 13.24
C ASN A 268 -14.21 -8.22 13.79
N ASP A 269 -13.56 -8.36 14.97
CA ASP A 269 -13.50 -9.70 15.56
C ASP A 269 -12.92 -10.75 14.70
N ALA A 270 -11.88 -10.32 13.97
CA ALA A 270 -11.43 -11.16 12.87
C ALA A 270 -10.00 -11.73 13.05
N ILE A 271 -9.40 -11.55 14.25
CA ILE A 271 -8.01 -12.04 14.37
C ILE A 271 -7.74 -12.50 15.77
N ASP A 272 -6.94 -13.59 15.95
CA ASP A 272 -6.46 -14.03 17.25
C ASP A 272 -4.97 -13.70 17.47
N VAL A 273 -4.21 -13.79 16.39
CA VAL A 273 -2.72 -13.55 16.47
C VAL A 273 -2.35 -12.53 15.44
N LEU A 274 -1.90 -11.38 15.91
CA LEU A 274 -1.41 -10.32 14.96
C LEU A 274 0.08 -10.62 14.67
N GLN A 275 0.39 -10.64 13.38
CA GLN A 275 1.78 -11.06 12.96
C GLN A 275 2.54 -9.89 12.35
N ALA A 276 2.17 -8.64 12.75
CA ALA A 276 2.93 -7.49 12.21
C ALA A 276 4.47 -7.72 12.54
N ASP A 277 5.24 -7.53 11.41
CA ASP A 277 6.71 -7.73 11.47
C ASP A 277 7.30 -6.32 11.68
N ALA A 278 8.20 -6.18 12.65
CA ALA A 278 8.78 -4.88 12.84
C ALA A 278 9.48 -4.36 11.56
N SER A 279 9.95 -5.27 10.66
CA SER A 279 10.71 -4.82 9.43
C SER A 279 9.76 -4.59 8.21
N ARG A 280 8.44 -4.75 8.41
CA ARG A 280 7.46 -4.59 7.29
C ARG A 280 6.32 -3.64 7.59
N ALA A 281 5.83 -3.79 8.86
CA ALA A 281 4.57 -3.10 9.17
C ALA A 281 4.68 -1.63 9.60
N GLY A 282 5.96 -1.20 9.77
CA GLY A 282 6.23 0.23 10.05
C GLY A 282 7.48 0.41 10.83
N GLY A 283 8.12 -0.62 11.39
CA GLY A 283 9.34 -0.37 12.19
C GLY A 283 9.18 -1.00 13.56
N ILE A 284 10.27 -1.00 14.40
CA ILE A 284 10.15 -1.27 15.82
C ILE A 284 9.14 -0.29 16.46
N THR A 285 9.11 0.95 16.06
CA THR A 285 8.22 1.92 16.64
C THR A 285 6.74 1.49 16.46
N GLU A 286 6.43 1.06 15.24
CA GLU A 286 5.09 0.62 14.97
C GLU A 286 4.74 -0.71 15.52
N ALA A 287 5.67 -1.67 15.47
CA ALA A 287 5.35 -2.97 16.05
C ALA A 287 5.17 -2.86 17.55
N LEU A 288 5.91 -2.01 18.28
CA LEU A 288 5.64 -1.82 19.74
C LEU A 288 4.19 -1.43 20.01
N ALA A 289 3.68 -0.55 19.13
CA ALA A 289 2.27 -0.07 19.34
C ALA A 289 1.33 -1.22 19.03
N ILE A 290 1.60 -1.99 17.96
CA ILE A 290 0.74 -3.12 17.62
C ILE A 290 0.75 -4.22 18.70
N SER A 291 1.95 -4.53 19.22
CA SER A 291 1.97 -5.51 20.32
C SER A 291 1.17 -5.06 21.52
N ALA A 292 1.26 -3.78 21.85
CA ALA A 292 0.45 -3.32 22.98
C ALA A 292 -1.04 -3.31 22.70
N SER A 293 -1.43 -2.99 21.48
CA SER A 293 -2.85 -2.98 21.09
C SER A 293 -3.39 -4.39 21.08
N ALA A 294 -2.55 -5.37 20.68
CA ALA A 294 -3.00 -6.77 20.74
C ALA A 294 -3.30 -7.19 22.22
N ALA A 295 -2.39 -6.83 23.13
CA ALA A 295 -2.57 -7.20 24.52
C ALA A 295 -3.78 -6.49 25.12
N SER A 296 -4.00 -5.21 24.78
CA SER A 296 -5.24 -4.58 25.29
C SER A 296 -6.47 -5.28 24.86
N ALA A 297 -6.54 -5.82 23.61
CA ALA A 297 -7.72 -6.58 23.17
C ALA A 297 -7.75 -8.03 23.64
N HIS A 298 -6.82 -8.48 24.50
CA HIS A 298 -6.72 -9.88 24.95
C HIS A 298 -6.43 -10.82 23.79
N LEU A 299 -5.60 -10.33 22.85
CA LEU A 299 -5.15 -11.14 21.72
C LEU A 299 -3.63 -11.25 21.83
N ALA A 300 -2.99 -11.95 20.89
CA ALA A 300 -1.57 -12.10 20.99
C ALA A 300 -0.86 -11.42 19.80
N TRP A 301 0.43 -11.01 19.97
CA TRP A 301 1.25 -10.57 18.81
C TRP A 301 2.39 -11.61 18.80
N ASN A 302 2.53 -12.21 17.59
CA ASN A 302 3.60 -13.13 17.32
C ASN A 302 4.04 -12.76 15.92
N PRO A 303 5.16 -12.02 15.81
CA PRO A 303 5.47 -11.47 14.49
C PRO A 303 5.90 -12.48 13.48
N HIS A 304 5.60 -12.16 12.20
CA HIS A 304 6.38 -12.72 11.06
C HIS A 304 7.82 -12.10 11.15
N THR A 305 8.83 -12.93 10.89
CA THR A 305 10.25 -12.43 10.98
C THR A 305 11.04 -12.78 9.73
N PHE A 306 10.46 -13.45 8.69
CA PHE A 306 11.20 -14.21 7.66
C PHE A 306 11.79 -13.26 6.59
N ASN A 307 13.10 -13.01 6.69
CA ASN A 307 13.85 -12.44 5.52
C ASN A 307 15.35 -12.55 5.82
N ASP A 308 15.85 -12.04 6.94
CA ASP A 308 17.29 -12.00 7.17
C ASP A 308 17.53 -11.92 8.67
N ILE A 309 18.80 -11.98 9.05
CA ILE A 309 19.05 -11.98 10.49
C ILE A 309 18.75 -10.60 11.16
N ILE A 310 18.70 -9.51 10.40
CA ILE A 310 18.31 -8.22 10.97
C ILE A 310 16.76 -8.24 11.24
N THR A 311 15.99 -8.71 10.27
CA THR A 311 14.51 -8.74 10.52
C THR A 311 14.23 -9.69 11.67
N VAL A 312 14.96 -10.80 11.74
CA VAL A 312 14.89 -11.69 12.92
C VAL A 312 15.21 -10.95 14.26
N ALA A 313 16.42 -10.33 14.30
CA ALA A 313 16.86 -9.74 15.54
C ALA A 313 15.95 -8.58 15.94
N ALA A 314 15.50 -7.73 14.99
CA ALA A 314 14.68 -6.55 15.39
C ALA A 314 13.43 -7.05 16.07
N ASN A 315 12.79 -8.06 15.44
CA ASN A 315 11.58 -8.61 16.12
C ASN A 315 11.91 -9.34 17.40
N LEU A 316 13.06 -10.04 17.52
CA LEU A 316 13.37 -10.78 18.74
C LEU A 316 13.58 -9.82 19.94
N HIS A 317 14.14 -8.63 19.71
CA HIS A 317 14.27 -7.68 20.84
C HIS A 317 12.88 -7.35 21.36
N LEU A 318 11.96 -7.09 20.41
CA LEU A 318 10.61 -6.68 20.87
C LEU A 318 9.89 -7.87 21.50
N VAL A 319 10.01 -9.05 20.87
CA VAL A 319 9.36 -10.24 21.45
C VAL A 319 9.84 -10.51 22.88
N ALA A 320 11.17 -10.44 23.07
CA ALA A 320 11.69 -10.70 24.38
C ALA A 320 11.12 -9.74 25.44
N ALA A 321 10.87 -8.50 25.05
CA ALA A 321 10.38 -7.45 25.98
C ALA A 321 8.82 -7.52 26.17
N SER A 322 8.05 -8.29 25.39
CA SER A 322 6.60 -8.15 25.34
C SER A 322 5.97 -9.27 26.11
N PRO A 323 4.79 -9.02 26.71
CA PRO A 323 4.08 -10.01 27.54
C PRO A 323 3.09 -10.84 26.70
N HIS A 324 3.58 -11.50 25.66
CA HIS A 324 2.81 -12.41 24.85
C HIS A 324 3.43 -13.80 24.98
N PRO A 325 2.64 -14.86 24.78
CA PRO A 325 3.23 -16.17 24.69
C PRO A 325 4.18 -16.15 23.47
N ALA A 326 5.35 -16.72 23.57
CA ALA A 326 6.31 -16.65 22.46
C ALA A 326 6.02 -17.79 21.47
N MET A 327 6.05 -17.45 20.18
CA MET A 327 5.97 -18.45 19.12
C MET A 327 6.74 -17.80 17.99
N PHE A 328 8.07 -17.87 18.17
CA PHE A 328 8.94 -16.95 17.44
C PHE A 328 9.46 -17.57 16.12
N GLU A 329 9.08 -16.99 15.00
CA GLU A 329 9.43 -17.55 13.65
C GLU A 329 10.95 -17.59 13.46
N TRP A 330 11.48 -18.79 13.16
CA TRP A 330 12.91 -18.87 12.82
C TRP A 330 13.04 -19.56 11.45
N ASP A 331 13.46 -18.81 10.44
CA ASP A 331 13.68 -19.35 9.07
C ASP A 331 14.80 -20.40 9.12
N ILE A 332 14.41 -21.64 8.83
CA ILE A 332 15.45 -22.75 8.79
C ILE A 332 15.79 -23.14 7.36
N THR A 333 15.43 -22.33 6.38
CA THR A 333 15.63 -22.67 4.92
C THR A 333 17.02 -22.19 4.52
N HIS A 334 17.46 -22.51 3.31
CA HIS A 334 18.77 -22.09 2.91
C HIS A 334 18.74 -20.54 2.76
N ASN A 335 19.57 -19.89 3.54
CA ASN A 335 19.55 -18.43 3.51
C ASN A 335 20.83 -17.88 4.07
N ASP A 336 21.75 -17.48 3.18
CA ASP A 336 23.09 -16.90 3.63
C ASP A 336 22.89 -15.64 4.46
N LEU A 337 21.69 -15.01 4.32
CA LEU A 337 21.42 -13.79 5.14
C LEU A 337 21.10 -14.08 6.64
N MET A 338 20.95 -15.39 6.90
CA MET A 338 20.74 -15.88 8.31
C MET A 338 22.07 -16.36 8.93
N THR A 339 23.10 -16.56 8.10
CA THR A 339 24.34 -17.20 8.64
C THR A 339 25.59 -16.34 8.44
N ARG A 340 25.67 -15.63 7.30
CA ARG A 340 26.93 -14.98 6.94
C ARG A 340 26.95 -13.45 7.01
N LEU A 341 25.79 -12.80 7.27
CA LEU A 341 25.79 -11.33 7.39
C LEU A 341 26.36 -10.85 8.67
N ALA A 342 26.01 -11.57 9.76
CA ALA A 342 26.39 -11.10 11.09
C ALA A 342 26.80 -12.18 11.99
N SER A 343 27.39 -11.74 13.11
CA SER A 343 27.96 -12.65 14.11
C SER A 343 26.96 -13.32 15.12
N TYR A 344 25.69 -12.94 15.06
CA TYR A 344 24.58 -13.62 15.80
C TYR A 344 23.95 -14.75 15.00
N ASP A 345 23.82 -15.97 15.53
CA ASP A 345 23.22 -17.13 14.87
C ASP A 345 22.15 -17.89 15.75
N LEU A 346 21.59 -18.97 15.17
CA LEU A 346 20.62 -19.80 15.89
C LEU A 346 21.28 -20.55 16.98
N LYS A 347 20.78 -20.35 18.22
CA LYS A 347 21.28 -21.15 19.29
C LYS A 347 20.06 -21.46 20.13
N LEU A 348 19.62 -22.69 20.02
CA LEU A 348 18.43 -23.16 20.59
C LEU A 348 18.78 -23.90 21.83
N GLU A 349 18.18 -23.59 22.98
CA GLU A 349 18.44 -24.31 24.23
C GLU A 349 17.11 -24.55 24.93
N ASN A 350 16.71 -25.81 25.16
CA ASN A 350 15.38 -26.13 25.66
C ASN A 350 14.28 -25.51 24.83
N GLY A 351 14.56 -25.43 23.51
CA GLY A 351 13.45 -24.91 22.65
C GLY A 351 13.39 -23.39 22.57
N LEU A 352 14.30 -22.73 23.28
CA LEU A 352 14.21 -21.23 23.39
C LEU A 352 15.45 -20.63 22.68
N VAL A 353 15.31 -19.41 22.15
CA VAL A 353 16.44 -18.56 21.73
C VAL A 353 16.54 -17.35 22.66
N GLN A 354 17.68 -16.65 22.59
CA GLN A 354 17.95 -15.45 23.39
C GLN A 354 18.23 -14.31 22.46
N PRO A 355 17.78 -13.10 22.76
CA PRO A 355 18.05 -11.97 21.91
C PRO A 355 19.60 -11.67 21.97
N PRO A 356 20.11 -11.09 20.88
CA PRO A 356 21.55 -10.65 20.88
C PRO A 356 21.75 -9.77 22.08
N GLN A 357 22.97 -9.79 22.63
CA GLN A 357 23.22 -9.04 23.87
C GLN A 357 24.07 -7.75 23.72
N GLY A 358 24.66 -7.54 22.57
CA GLY A 358 25.49 -6.31 22.39
C GLY A 358 24.64 -5.05 22.20
N PRO A 359 25.26 -3.89 21.98
CA PRO A 359 24.50 -2.64 21.69
C PRO A 359 23.65 -2.68 20.48
N GLY A 360 22.50 -2.02 20.57
CA GLY A 360 21.69 -1.82 19.40
C GLY A 360 20.99 -3.17 19.05
N LEU A 361 20.94 -3.53 17.75
CA LEU A 361 20.55 -4.88 17.38
C LEU A 361 21.39 -5.99 18.05
N GLY A 362 22.62 -5.66 18.38
CA GLY A 362 23.36 -6.56 19.28
C GLY A 362 24.46 -7.37 18.61
N PHE A 363 24.73 -7.09 17.37
CA PHE A 363 25.85 -7.69 16.62
C PHE A 363 26.44 -6.74 15.62
N GLU A 364 27.59 -7.09 15.02
CA GLU A 364 28.08 -6.22 13.97
C GLU A 364 28.01 -6.95 12.62
N ILE A 365 28.02 -6.16 11.57
CA ILE A 365 27.87 -6.69 10.18
C ILE A 365 29.24 -7.09 9.61
N ASP A 366 29.24 -8.14 8.79
CA ASP A 366 30.46 -8.48 8.00
C ASP A 366 30.42 -7.68 6.73
N TRP A 367 31.08 -6.53 6.76
CA TRP A 367 30.98 -5.65 5.64
C TRP A 367 31.76 -6.19 4.38
N ASP A 368 32.67 -7.14 4.58
CA ASP A 368 33.25 -7.84 3.40
C ASP A 368 32.19 -8.76 2.71
N PHE A 369 31.35 -9.39 3.53
CA PHE A 369 30.22 -10.12 2.99
C PHE A 369 29.25 -9.19 2.24
N VAL A 370 28.95 -8.01 2.80
CA VAL A 370 28.07 -7.05 2.10
C VAL A 370 28.68 -6.65 0.78
N ALA A 371 29.99 -6.33 0.77
CA ALA A 371 30.58 -5.88 -0.50
C ALA A 371 30.60 -6.98 -1.56
N ALA A 372 30.61 -8.25 -1.14
CA ALA A 372 30.74 -9.36 -2.10
C ALA A 372 29.39 -9.80 -2.67
N HIS A 373 28.23 -9.26 -2.16
CA HIS A 373 26.92 -9.74 -2.62
C HIS A 373 26.06 -8.64 -3.11
N ALA A 374 26.62 -7.70 -3.84
CA ALA A 374 25.72 -6.67 -4.48
C ALA A 374 24.77 -7.31 -5.39
N TRP A 375 23.49 -6.94 -5.26
CA TRP A 375 22.51 -7.31 -6.25
C TRP A 375 22.84 -6.96 -7.67
N LYS A 376 22.62 -7.90 -8.58
CA LYS A 376 22.82 -7.66 -10.02
C LYS A 376 21.55 -7.80 -10.90
N GLY A 377 20.35 -7.66 -10.30
CA GLY A 377 19.11 -7.68 -11.02
C GLY A 377 18.39 -9.04 -10.89
N GLU A 378 18.96 -10.01 -10.15
CA GLU A 378 18.35 -11.34 -9.93
C GLU A 378 16.96 -11.14 -9.31
N PRO A 379 16.03 -12.07 -9.64
CA PRO A 379 14.69 -12.03 -9.02
C PRO A 379 14.74 -12.72 -7.62
N ALA A 380 13.95 -12.30 -6.63
CA ALA A 380 13.97 -12.97 -5.30
C ALA A 380 13.06 -14.26 -5.36
N ILE A 381 11.89 -14.14 -6.02
CA ILE A 381 10.77 -15.15 -5.88
C ILE A 381 10.06 -15.26 -7.17
N GLY A 382 9.59 -16.47 -7.43
CA GLY A 382 8.79 -16.67 -8.63
C GLY A 382 7.40 -16.06 -8.45
N ALA A 383 6.62 -16.15 -9.52
CA ALA A 383 5.23 -15.59 -9.41
C ALA A 383 4.48 -16.23 -8.31
N GLY A 384 3.79 -15.40 -7.52
CA GLY A 384 3.04 -15.96 -6.45
C GLY A 384 1.73 -16.58 -6.92
N HIS A 385 1.03 -17.18 -5.94
CA HIS A 385 -0.19 -17.88 -6.28
C HIS A 385 -1.36 -17.00 -5.74
N GLY A 386 -2.52 -17.34 -6.19
CA GLY A 386 -3.70 -16.58 -5.85
C GLY A 386 -4.65 -16.61 -7.01
N MET A 387 -4.08 -16.73 -8.22
CA MET A 387 -5.02 -16.93 -9.41
C MET A 387 -5.97 -18.15 -9.26
N LYS A 388 -5.48 -19.27 -8.72
CA LYS A 388 -6.39 -20.45 -8.53
C LYS A 388 -7.64 -20.15 -7.69
N LYS A 389 -7.46 -19.65 -6.48
CA LYS A 389 -8.60 -19.37 -5.68
C LYS A 389 -9.39 -18.19 -6.26
N GLU A 390 -8.68 -17.25 -6.95
CA GLU A 390 -9.42 -16.19 -7.67
C GLU A 390 -10.44 -16.83 -8.64
N GLY A 391 -10.09 -17.94 -9.27
CA GLY A 391 -11.07 -18.63 -10.14
C GLY A 391 -10.39 -19.14 -11.44
N HIS A 392 -9.07 -19.04 -11.60
CA HIS A 392 -8.43 -19.46 -12.87
C HIS A 392 -8.17 -20.96 -12.71
N HIS A 393 -8.83 -21.77 -13.52
CA HIS A 393 -8.83 -23.28 -13.38
C HIS A 393 -7.46 -23.99 -13.45
N SER B 2 -4.11 -12.54 -33.44
CA SER B 2 -4.10 -11.76 -32.15
C SER B 2 -2.73 -11.11 -32.05
N LEU B 3 -2.65 -10.04 -31.22
CA LEU B 3 -1.41 -9.35 -30.91
C LEU B 3 -0.62 -9.99 -29.76
N LYS B 4 0.68 -9.61 -29.67
CA LYS B 4 1.53 -9.97 -28.58
C LYS B 4 2.20 -8.67 -28.13
N ILE B 5 2.12 -8.46 -26.82
CA ILE B 5 2.88 -7.29 -26.20
C ILE B 5 4.40 -7.49 -26.37
N THR B 6 5.07 -6.45 -26.85
CA THR B 6 6.54 -6.60 -27.08
C THR B 6 7.34 -5.78 -26.08
N GLU B 7 6.74 -4.67 -25.59
CA GLU B 7 7.49 -3.84 -24.60
C GLU B 7 6.48 -3.05 -23.77
N VAL B 8 6.90 -2.78 -22.51
CA VAL B 8 6.11 -1.93 -21.55
C VAL B 8 7.10 -0.85 -21.15
N LYS B 9 6.85 0.38 -21.61
CA LYS B 9 7.76 1.54 -21.32
C LYS B 9 7.11 2.56 -20.41
N ALA B 10 7.95 3.22 -19.60
CA ALA B 10 7.38 4.25 -18.68
C ALA B 10 8.25 5.50 -18.86
N HIS B 11 7.67 6.51 -19.47
CA HIS B 11 8.46 7.79 -19.76
C HIS B 11 8.20 8.73 -18.60
N ALA B 12 9.29 9.06 -17.85
CA ALA B 12 9.15 10.00 -16.74
C ALA B 12 9.16 11.44 -17.32
N LEU B 13 8.15 12.24 -16.98
CA LEU B 13 8.05 13.63 -17.48
C LEU B 13 7.86 14.61 -16.36
N SER B 14 8.37 15.86 -16.53
CA SER B 14 8.13 16.84 -15.53
C SER B 14 7.90 18.16 -16.26
N THR B 15 7.03 18.99 -15.70
CA THR B 15 6.77 20.34 -16.25
C THR B 15 6.71 21.29 -15.10
N PRO B 16 7.18 22.53 -15.32
CA PRO B 16 7.37 23.44 -14.18
C PRO B 16 6.14 24.24 -13.87
N ILE B 17 6.10 24.79 -12.66
CA ILE B 17 5.06 25.68 -12.29
C ILE B 17 5.69 26.99 -11.83
N PRO B 18 5.26 28.13 -12.41
CA PRO B 18 5.76 29.44 -11.85
C PRO B 18 5.56 29.55 -10.33
N GLU B 19 6.56 30.06 -9.64
CA GLU B 19 6.48 30.19 -8.22
C GLU B 19 5.16 30.73 -7.73
N ARG B 20 4.66 31.86 -8.29
CA ARG B 20 3.45 32.47 -7.77
C ARG B 20 2.19 31.62 -8.11
N MET B 21 2.31 30.64 -9.02
CA MET B 21 1.15 29.78 -9.41
C MET B 21 1.20 28.49 -8.59
N ARG B 22 2.19 28.31 -7.70
CA ARG B 22 2.25 27.06 -6.88
C ARG B 22 1.12 27.23 -5.84
N VAL B 23 0.40 26.17 -5.61
CA VAL B 23 -0.65 26.20 -4.58
C VAL B 23 -0.41 25.10 -3.55
N GLU B 24 -1.03 25.33 -2.34
CA GLU B 24 -0.85 24.37 -1.24
C GLU B 24 -2.22 23.90 -0.73
N SER B 25 -2.25 22.59 -0.45
CA SER B 25 -3.36 21.91 0.24
C SER B 25 -2.71 21.03 1.32
N GLY B 26 -3.54 20.18 1.95
CA GLY B 26 -2.94 19.24 2.97
C GLY B 26 -2.02 18.23 2.34
N ALA B 27 -2.04 18.07 1.01
CA ALA B 27 -1.11 17.20 0.31
C ALA B 27 0.28 17.83 0.16
N GLY B 28 0.38 19.12 0.34
CA GLY B 28 1.70 19.77 0.24
C GLY B 28 1.62 20.91 -0.78
N LEU B 29 2.77 21.59 -0.91
CA LEU B 29 2.91 22.74 -1.83
C LEU B 29 3.34 22.21 -3.24
N LYS B 30 2.57 22.45 -4.31
CA LYS B 30 2.93 21.88 -5.63
C LYS B 30 4.22 22.56 -6.16
N LEU B 31 5.06 21.74 -6.80
CA LEU B 31 6.39 22.30 -7.27
C LEU B 31 6.55 22.09 -8.78
N ASN B 32 6.22 20.87 -9.27
CA ASN B 32 6.31 20.59 -10.72
C ASN B 32 5.22 19.57 -10.97
N ARG B 33 4.55 19.73 -12.10
CA ARG B 33 3.48 18.76 -12.50
C ARG B 33 4.16 17.65 -13.32
N GLN B 34 4.10 16.43 -12.75
CA GLN B 34 4.80 15.32 -13.33
C GLN B 34 3.86 14.18 -13.70
N MET B 35 4.40 13.28 -14.50
CA MET B 35 3.69 12.05 -14.81
C MET B 35 4.62 11.01 -15.30
N ILE B 36 4.19 9.77 -15.28
CA ILE B 36 4.67 8.70 -16.20
C ILE B 36 3.74 8.50 -17.33
N LEU B 37 4.21 8.61 -18.63
CA LEU B 37 3.43 8.23 -19.81
C LEU B 37 3.78 6.77 -20.06
N VAL B 38 2.83 5.87 -19.82
CA VAL B 38 3.07 4.46 -20.09
C VAL B 38 2.85 4.21 -21.56
N GLU B 39 3.68 3.36 -22.16
CA GLU B 39 3.45 2.99 -23.55
C GLU B 39 3.53 1.51 -23.65
N VAL B 40 2.49 0.82 -24.13
CA VAL B 40 2.53 -0.63 -24.26
C VAL B 40 2.60 -0.85 -25.78
N ARG B 41 3.66 -1.50 -26.25
CA ARG B 41 3.83 -1.78 -27.70
C ARG B 41 3.52 -3.25 -28.03
N THR B 42 3.06 -3.51 -29.26
CA THR B 42 2.86 -4.87 -29.69
C THR B 42 3.58 -5.18 -30.98
N ASP B 43 3.61 -6.49 -31.26
CA ASP B 43 4.28 -6.97 -32.47
C ASP B 43 3.67 -6.43 -33.74
N GLU B 44 2.43 -5.95 -33.78
CA GLU B 44 1.89 -5.40 -35.05
C GLU B 44 1.83 -3.84 -35.03
N GLY B 45 2.45 -3.22 -34.02
CA GLY B 45 2.59 -1.78 -34.01
C GLY B 45 1.39 -1.04 -33.43
N VAL B 46 0.42 -1.75 -32.90
CA VAL B 46 -0.67 -1.13 -32.16
C VAL B 46 -0.15 -0.79 -30.75
N THR B 47 -0.24 0.49 -30.38
CA THR B 47 0.28 0.94 -29.14
C THR B 47 -0.80 1.56 -28.26
N GLY B 48 -0.74 1.22 -26.98
CA GLY B 48 -1.57 1.93 -26.02
C GLY B 48 -0.82 2.81 -25.06
N VAL B 49 -1.48 3.88 -24.61
CA VAL B 49 -0.76 4.78 -23.65
C VAL B 49 -1.62 4.94 -22.38
N GLY B 50 -0.96 5.24 -21.27
CA GLY B 50 -1.72 5.41 -20.05
C GLY B 50 -0.92 6.22 -19.06
N SER B 51 -1.47 6.41 -17.84
CA SER B 51 -0.74 7.16 -16.82
C SER B 51 -1.13 6.60 -15.41
N PRO B 52 -0.15 6.41 -14.53
CA PRO B 52 -0.47 5.94 -13.13
C PRO B 52 -0.58 7.06 -12.18
N SER B 53 -0.97 8.24 -12.68
CA SER B 53 -1.29 9.37 -11.80
C SER B 53 -0.03 9.86 -11.02
N GLY B 54 -0.26 10.60 -9.90
CA GLY B 54 0.85 11.17 -9.13
C GLY B 54 0.20 12.11 -8.12
N PRO B 55 1.02 12.67 -7.24
CA PRO B 55 2.42 12.56 -7.28
C PRO B 55 2.77 11.25 -6.53
N TYR B 56 3.74 10.53 -7.04
N TYR B 56 3.65 10.55 -7.20
CA TYR B 56 4.24 9.37 -6.27
CA TYR B 56 4.34 9.40 -6.73
C TYR B 56 5.74 9.65 -6.10
C TYR B 56 5.67 9.51 -7.40
N ASP B 57 6.60 8.85 -6.73
CA ASP B 57 8.00 9.11 -7.07
C ASP B 57 8.16 8.50 -8.47
N LEU B 58 8.75 9.27 -9.41
CA LEU B 58 8.74 8.82 -10.79
C LEU B 58 9.67 7.62 -10.99
N ALA B 59 10.81 7.56 -10.27
CA ALA B 59 11.72 6.41 -10.40
C ALA B 59 11.06 5.11 -9.88
N VAL B 60 10.35 5.26 -8.78
CA VAL B 60 9.59 4.07 -8.26
C VAL B 60 8.56 3.62 -9.23
N LEU B 61 7.79 4.55 -9.83
CA LEU B 61 6.75 4.14 -10.81
C LEU B 61 7.43 3.53 -12.05
N LYS B 62 8.57 4.11 -12.55
CA LYS B 62 9.12 3.56 -13.76
C LYS B 62 9.63 2.11 -13.51
N ARG B 63 10.23 1.89 -12.36
CA ARG B 63 10.86 0.61 -12.06
C ARG B 63 9.68 -0.34 -11.96
N ALA B 64 8.60 0.05 -11.21
CA ALA B 64 7.42 -0.90 -11.06
C ALA B 64 6.81 -1.29 -12.38
N ILE B 65 6.68 -0.31 -13.29
CA ILE B 65 5.98 -0.57 -14.54
C ILE B 65 6.86 -1.37 -15.44
N GLU B 66 8.13 -0.97 -15.59
CA GLU B 66 8.96 -1.60 -16.63
C GLU B 66 9.52 -2.94 -16.12
N ASP B 67 9.76 -3.08 -14.82
CA ASP B 67 10.58 -4.20 -14.36
C ASP B 67 9.84 -5.14 -13.39
N VAL B 68 8.69 -4.75 -12.89
CA VAL B 68 7.92 -5.61 -11.97
C VAL B 68 6.67 -6.06 -12.80
N ILE B 69 5.89 -5.12 -13.30
CA ILE B 69 4.64 -5.45 -14.00
C ILE B 69 5.00 -5.88 -15.46
N GLY B 70 5.84 -5.07 -16.13
CA GLY B 70 6.16 -5.34 -17.57
C GLY B 70 6.51 -6.79 -17.90
N PRO B 71 7.43 -7.39 -17.21
CA PRO B 71 7.78 -8.79 -17.52
C PRO B 71 6.66 -9.77 -17.54
N GLN B 72 5.64 -9.51 -16.75
CA GLN B 72 4.45 -10.39 -16.71
C GLN B 72 3.58 -10.26 -17.92
N LEU B 73 3.79 -9.21 -18.68
CA LEU B 73 3.01 -8.91 -19.86
C LEU B 73 3.73 -9.23 -21.17
N ILE B 74 5.08 -9.22 -21.21
CA ILE B 74 5.71 -9.42 -22.53
C ILE B 74 5.30 -10.81 -23.06
N GLY B 75 4.92 -10.84 -24.34
CA GLY B 75 4.53 -12.13 -24.94
C GLY B 75 3.05 -12.44 -24.86
N GLU B 76 2.32 -11.68 -24.05
CA GLU B 76 0.93 -12.00 -23.86
C GLU B 76 0.04 -11.27 -24.86
N ASP B 77 -1.17 -11.78 -25.06
CA ASP B 77 -2.16 -11.13 -25.88
C ASP B 77 -2.74 -9.98 -25.03
N PRO B 78 -2.58 -8.73 -25.49
CA PRO B 78 -3.08 -7.58 -24.67
C PRO B 78 -4.65 -7.60 -24.61
N ALA B 79 -5.31 -8.34 -25.49
CA ALA B 79 -6.78 -8.34 -25.45
C ALA B 79 -7.38 -8.85 -24.13
N ASN B 80 -6.63 -9.72 -23.42
CA ASN B 80 -7.16 -10.33 -22.10
C ASN B 80 -6.86 -9.47 -20.96
N ILE B 81 -7.44 -8.25 -20.97
CA ILE B 81 -7.07 -7.30 -19.91
C ILE B 81 -7.49 -7.85 -18.52
N ASN B 82 -8.67 -8.52 -18.46
CA ASN B 82 -9.12 -9.09 -17.18
C ASN B 82 -8.14 -10.12 -16.64
N TYR B 83 -7.72 -11.04 -17.51
CA TYR B 83 -6.68 -11.99 -17.05
C TYR B 83 -5.37 -11.28 -16.60
N LEU B 84 -4.94 -10.27 -17.40
CA LEU B 84 -3.60 -9.69 -17.13
C LEU B 84 -3.66 -8.91 -15.81
N TRP B 85 -4.80 -8.30 -15.50
CA TRP B 85 -4.86 -7.57 -14.26
C TRP B 85 -4.61 -8.51 -13.07
N HIS B 86 -5.35 -9.65 -13.07
CA HIS B 86 -5.16 -10.64 -11.97
C HIS B 86 -3.86 -11.35 -12.02
N LYS B 87 -3.33 -11.62 -13.22
CA LYS B 87 -2.00 -12.22 -13.27
C LYS B 87 -0.97 -11.35 -12.58
N VAL B 88 -1.04 -10.01 -12.81
CA VAL B 88 -0.02 -9.11 -12.26
C VAL B 88 -0.32 -8.90 -10.74
N PHE B 89 -1.62 -8.82 -10.31
CA PHE B 89 -1.89 -8.53 -8.93
C PHE B 89 -1.40 -9.71 -8.09
N HIS B 90 -1.81 -10.91 -8.49
CA HIS B 90 -1.48 -12.11 -7.69
C HIS B 90 -0.08 -12.56 -7.86
N GLY B 91 0.42 -12.38 -9.08
CA GLY B 91 1.82 -12.84 -9.39
C GLY B 91 2.87 -12.03 -8.66
N GLU B 92 2.72 -10.70 -8.62
CA GLU B 92 3.72 -9.85 -8.09
C GLU B 92 3.25 -8.74 -7.18
N VAL B 93 2.27 -7.92 -7.60
CA VAL B 93 2.16 -6.56 -7.04
C VAL B 93 1.58 -6.58 -5.61
N SER B 94 0.55 -7.41 -5.33
CA SER B 94 -0.03 -7.32 -3.99
C SER B 94 1.05 -7.62 -2.90
N ARG B 95 1.68 -8.79 -2.99
CA ARG B 95 2.65 -9.11 -1.99
C ARG B 95 3.94 -8.31 -2.04
N ASN B 96 4.43 -8.13 -3.28
CA ASN B 96 5.81 -7.61 -3.43
C ASN B 96 5.87 -6.07 -3.61
N LEU B 97 4.74 -5.36 -3.76
CA LEU B 97 4.75 -3.89 -3.68
C LEU B 97 3.75 -3.41 -2.64
N GLY B 98 2.92 -4.38 -2.14
CA GLY B 98 1.95 -4.07 -1.03
C GLY B 98 0.55 -3.85 -1.56
N HIS B 99 -0.47 -4.31 -0.85
CA HIS B 99 -1.81 -4.42 -1.45
C HIS B 99 -2.49 -3.05 -1.64
N ARG B 100 -2.04 -1.98 -0.92
CA ARG B 100 -2.65 -0.62 -1.10
C ARG B 100 -1.53 0.34 -1.32
N SER B 101 -1.03 0.38 -2.53
CA SER B 101 0.34 0.92 -2.73
C SER B 101 0.48 1.63 -4.07
N VAL B 102 1.67 2.33 -4.16
CA VAL B 102 2.13 2.84 -5.49
C VAL B 102 2.19 1.72 -6.54
N GLY B 103 2.33 0.45 -6.17
CA GLY B 103 2.23 -0.62 -7.19
C GLY B 103 0.85 -0.76 -7.82
N ILE B 104 -0.21 -0.52 -6.98
CA ILE B 104 -1.58 -0.53 -7.56
C ILE B 104 -1.71 0.66 -8.55
N ALA B 105 -1.12 1.84 -8.19
CA ALA B 105 -1.19 2.95 -9.16
C ALA B 105 -0.41 2.56 -10.46
N ALA B 106 0.74 1.93 -10.27
CA ALA B 106 1.57 1.50 -11.45
C ALA B 106 0.67 0.54 -12.33
N MET B 107 -0.03 -0.40 -11.71
CA MET B 107 -0.91 -1.30 -12.48
C MET B 107 -1.95 -0.52 -13.17
N SER B 108 -2.46 0.55 -12.53
CA SER B 108 -3.49 1.32 -13.14
C SER B 108 -3.07 2.00 -14.45
N GLY B 109 -1.85 2.50 -14.45
CA GLY B 109 -1.31 3.12 -15.69
C GLY B 109 -1.23 2.12 -16.82
N VAL B 110 -0.79 0.91 -16.43
CA VAL B 110 -0.68 -0.12 -17.48
C VAL B 110 -2.07 -0.57 -17.94
N ASP B 111 -3.02 -0.74 -16.99
CA ASP B 111 -4.36 -1.14 -17.37
C ASP B 111 -5.01 -0.09 -18.24
N ILE B 112 -4.85 1.22 -17.94
CA ILE B 112 -5.40 2.25 -18.85
C ILE B 112 -4.78 2.03 -20.27
N ALA B 113 -3.43 1.81 -20.30
CA ALA B 113 -2.80 1.63 -21.68
C ALA B 113 -3.40 0.42 -22.35
N LEU B 114 -3.69 -0.68 -21.64
CA LEU B 114 -4.32 -1.81 -22.34
C LEU B 114 -5.70 -1.53 -22.85
N TRP B 115 -6.46 -0.71 -22.12
CA TRP B 115 -7.76 -0.29 -22.62
C TRP B 115 -7.67 0.68 -23.83
N ASP B 116 -6.69 1.58 -23.79
CA ASP B 116 -6.41 2.46 -24.92
C ASP B 116 -6.05 1.57 -26.08
N LEU B 117 -5.20 0.60 -25.92
CA LEU B 117 -4.72 -0.27 -27.02
C LEU B 117 -5.93 -1.01 -27.61
N LYS B 118 -6.81 -1.51 -26.73
CA LYS B 118 -8.01 -2.28 -27.19
C LYS B 118 -8.96 -1.34 -28.00
N GLY B 119 -9.21 -0.11 -27.52
CA GLY B 119 -10.04 0.79 -28.26
C GLY B 119 -9.38 1.11 -29.62
N ARG B 120 -8.06 1.26 -29.58
CA ARG B 120 -7.43 1.62 -30.91
C ARG B 120 -7.58 0.41 -31.81
N ALA B 121 -7.35 -0.80 -31.30
CA ALA B 121 -7.44 -2.02 -32.16
C ALA B 121 -8.84 -2.18 -32.75
N MET B 122 -9.90 -1.77 -32.00
CA MET B 122 -11.30 -1.83 -32.46
C MET B 122 -11.76 -0.60 -33.20
N ASN B 123 -10.93 0.47 -33.21
CA ASN B 123 -11.31 1.75 -33.74
C ASN B 123 -12.57 2.36 -33.13
N GLN B 124 -12.58 2.25 -31.77
CA GLN B 124 -13.68 2.79 -30.97
C GLN B 124 -13.18 3.54 -29.74
N PRO B 125 -13.83 4.63 -29.35
CA PRO B 125 -13.55 5.19 -27.99
C PRO B 125 -13.92 4.22 -26.87
N ILE B 126 -13.11 4.32 -25.85
CA ILE B 126 -13.29 3.41 -24.71
C ILE B 126 -14.74 3.45 -24.22
N TYR B 127 -15.35 4.63 -24.09
CA TYR B 127 -16.73 4.62 -23.54
C TYR B 127 -17.68 3.70 -24.38
N GLN B 128 -17.41 3.52 -25.69
CA GLN B 128 -18.28 2.67 -26.48
C GLN B 128 -18.15 1.18 -26.06
N LEU B 129 -16.93 0.78 -25.70
CA LEU B 129 -16.71 -0.61 -25.29
C LEU B 129 -17.47 -0.83 -24.00
N LEU B 130 -17.48 0.18 -23.15
CA LEU B 130 -18.07 0.12 -21.84
C LEU B 130 -19.60 0.12 -21.89
N GLY B 131 -20.22 -0.02 -23.06
CA GLY B 131 -21.66 0.03 -23.19
C GLY B 131 -22.19 1.39 -23.63
N GLY B 132 -21.33 2.32 -24.05
CA GLY B 132 -21.81 3.57 -24.57
C GLY B 132 -22.16 4.54 -23.46
N LYS B 133 -22.64 5.70 -23.86
CA LYS B 133 -22.91 6.67 -22.88
C LYS B 133 -24.14 6.32 -21.96
N PHE B 134 -24.07 6.73 -20.71
CA PHE B 134 -25.24 7.01 -19.91
C PHE B 134 -25.52 8.54 -20.07
N HIS B 135 -24.43 9.33 -19.88
CA HIS B 135 -24.60 10.81 -19.95
C HIS B 135 -24.60 11.28 -21.35
N THR B 136 -25.71 11.13 -22.02
CA THR B 136 -25.75 11.45 -23.45
C THR B 136 -25.64 12.96 -23.72
N ARG B 137 -26.02 13.79 -22.77
CA ARG B 137 -25.97 15.30 -22.99
C ARG B 137 -24.51 15.77 -22.76
N GLY B 138 -23.85 15.19 -21.71
CA GLY B 138 -22.48 15.56 -21.40
C GLY B 138 -22.31 15.35 -19.89
N VAL B 139 -21.11 15.62 -19.43
CA VAL B 139 -20.70 15.32 -18.03
C VAL B 139 -20.45 16.65 -17.23
N ARG B 140 -21.19 16.85 -16.16
CA ARG B 140 -21.04 18.09 -15.36
C ARG B 140 -19.76 18.06 -14.61
N ALA B 141 -18.90 19.09 -14.84
CA ALA B 141 -17.57 19.21 -14.31
C ALA B 141 -17.51 20.14 -13.12
N TYR B 142 -16.48 19.99 -12.30
CA TYR B 142 -16.21 21.04 -11.34
C TYR B 142 -14.79 21.52 -11.43
N ALA B 143 -14.56 22.80 -11.04
CA ALA B 143 -13.24 23.40 -11.16
C ALA B 143 -12.45 22.96 -9.91
N SER B 144 -11.32 22.24 -10.09
CA SER B 144 -10.51 21.76 -9.01
C SER B 144 -9.13 22.45 -9.03
N SER B 145 -8.79 23.29 -8.04
CA SER B 145 -9.60 23.66 -6.86
C SER B 145 -9.17 25.09 -6.50
N ILE B 146 -9.80 25.61 -5.46
CA ILE B 146 -9.50 26.89 -4.82
C ILE B 146 -8.71 26.49 -3.63
N TYR B 147 -7.44 26.92 -3.50
CA TYR B 147 -6.49 26.35 -2.52
C TYR B 147 -6.40 27.12 -1.20
N TRP B 148 -5.42 26.80 -0.36
CA TRP B 148 -5.22 27.47 0.96
C TRP B 148 -4.65 28.90 0.69
N ASP B 149 -4.47 29.64 1.75
CA ASP B 149 -3.80 30.96 1.65
C ASP B 149 -4.69 32.03 1.00
N LEU B 150 -6.03 31.91 0.98
CA LEU B 150 -6.93 32.97 0.50
C LEU B 150 -7.72 33.60 1.57
N THR B 151 -7.97 34.89 1.48
CA THR B 151 -8.98 35.53 2.33
C THR B 151 -10.42 35.19 1.79
N PRO B 152 -11.49 35.54 2.57
CA PRO B 152 -12.83 35.14 2.08
C PRO B 152 -13.25 35.85 0.84
N ASP B 153 -12.88 37.15 0.71
CA ASP B 153 -13.25 37.81 -0.54
C ASP B 153 -12.47 37.23 -1.73
N GLN B 154 -11.22 36.81 -1.45
CA GLN B 154 -10.40 36.19 -2.53
C GLN B 154 -10.95 34.84 -2.95
N ALA B 155 -11.37 34.04 -1.94
CA ALA B 155 -11.96 32.73 -2.29
C ALA B 155 -13.27 32.94 -3.08
N ALA B 156 -14.09 33.93 -2.74
CA ALA B 156 -15.33 34.14 -3.44
C ALA B 156 -15.02 34.68 -4.86
N ASP B 157 -14.01 35.53 -4.99
CA ASP B 157 -13.64 36.04 -6.35
C ASP B 157 -13.13 34.86 -7.23
N GLU B 158 -12.37 33.93 -6.64
CA GLU B 158 -11.87 32.84 -7.47
C GLU B 158 -13.08 32.02 -7.92
N LEU B 159 -14.00 31.69 -6.98
CA LEU B 159 -15.18 30.89 -7.35
C LEU B 159 -15.95 31.59 -8.45
N ALA B 160 -16.21 32.91 -8.23
CA ALA B 160 -16.94 33.62 -9.20
C ALA B 160 -16.27 33.58 -10.57
N GLY B 161 -14.93 33.65 -10.60
CA GLY B 161 -14.19 33.56 -11.89
C GLY B 161 -14.42 32.19 -12.55
N TRP B 162 -14.36 31.12 -11.75
CA TRP B 162 -14.61 29.85 -12.40
C TRP B 162 -16.02 29.74 -12.92
N VAL B 163 -16.98 30.28 -12.16
CA VAL B 163 -18.37 30.30 -12.63
C VAL B 163 -18.50 31.10 -13.96
N GLU B 164 -17.84 32.25 -14.00
CA GLU B 164 -17.79 33.02 -15.24
C GLU B 164 -17.23 32.27 -16.44
N GLN B 165 -16.22 31.42 -16.21
CA GLN B 165 -15.60 30.60 -17.29
C GLN B 165 -16.57 29.49 -17.77
N GLY B 166 -17.60 29.20 -16.97
CA GLY B 166 -18.69 28.25 -17.34
C GLY B 166 -18.80 27.02 -16.44
N PHE B 167 -17.95 26.97 -15.38
CA PHE B 167 -18.28 25.91 -14.40
C PHE B 167 -19.51 26.18 -13.53
N THR B 168 -20.22 25.10 -13.16
CA THR B 168 -21.40 25.17 -12.30
C THR B 168 -21.06 24.62 -10.91
N ALA B 169 -19.77 24.34 -10.67
CA ALA B 169 -19.35 23.77 -9.36
C ALA B 169 -17.85 23.97 -9.25
N ALA B 170 -17.34 23.99 -8.03
CA ALA B 170 -15.91 24.12 -7.74
C ALA B 170 -15.60 23.60 -6.35
N LYS B 171 -14.34 23.33 -6.09
CA LYS B 171 -13.96 22.75 -4.82
C LYS B 171 -12.97 23.64 -4.09
N LEU B 172 -13.16 23.78 -2.77
CA LEU B 172 -12.27 24.51 -1.91
C LEU B 172 -11.43 23.55 -1.05
N LYS B 173 -10.12 23.78 -0.98
CA LYS B 173 -9.26 23.05 -0.06
C LYS B 173 -9.32 23.70 1.35
N VAL B 174 -9.43 22.86 2.37
CA VAL B 174 -9.54 23.36 3.76
C VAL B 174 -8.61 22.53 4.66
N GLY B 175 -8.60 22.92 5.96
CA GLY B 175 -8.02 21.97 6.93
C GLY B 175 -6.92 22.62 7.73
N ARG B 176 -6.33 23.68 7.27
CA ARG B 176 -5.19 24.28 8.07
C ARG B 176 -5.76 25.24 9.11
N ALA B 177 -6.73 26.08 8.70
CA ALA B 177 -7.23 27.09 9.62
C ALA B 177 -8.76 27.04 9.50
N PRO B 178 -9.40 26.18 10.31
CA PRO B 178 -10.81 25.96 10.10
C PRO B 178 -11.67 27.24 10.23
N ARG B 179 -11.34 28.25 11.06
CA ARG B 179 -12.20 29.46 11.11
C ARG B 179 -12.13 30.24 9.84
N LYS B 180 -10.92 30.19 9.26
CA LYS B 180 -10.74 30.85 7.98
C LYS B 180 -11.43 30.08 6.85
N ASP B 181 -11.35 28.73 6.90
CA ASP B 181 -12.09 27.95 5.89
C ASP B 181 -13.58 28.24 5.92
N ALA B 182 -14.12 28.36 7.11
CA ALA B 182 -15.54 28.63 7.29
C ALA B 182 -15.92 30.00 6.72
N ALA B 183 -15.11 31.02 7.05
CA ALA B 183 -15.35 32.34 6.49
C ALA B 183 -15.25 32.38 4.95
N ASN B 184 -14.31 31.57 4.41
CA ASN B 184 -14.19 31.46 2.94
C ASN B 184 -15.52 30.88 2.38
N LEU B 185 -15.95 29.76 3.01
CA LEU B 185 -17.21 29.16 2.50
C LEU B 185 -18.41 30.04 2.56
N ARG B 186 -18.55 30.75 3.70
CA ARG B 186 -19.66 31.67 3.80
C ARG B 186 -19.65 32.79 2.73
N ALA B 187 -18.46 33.35 2.48
CA ALA B 187 -18.33 34.36 1.40
C ALA B 187 -18.55 33.81 0.02
N MET B 188 -18.07 32.57 -0.22
CA MET B 188 -18.28 31.95 -1.51
C MET B 188 -19.77 31.72 -1.74
N ARG B 189 -20.48 31.21 -0.70
CA ARG B 189 -21.93 30.92 -0.93
C ARG B 189 -22.71 32.18 -1.13
N GLN B 190 -22.39 33.24 -0.41
CA GLN B 190 -23.07 34.54 -0.53
C GLN B 190 -22.85 35.07 -1.94
N ARG B 191 -21.64 34.88 -2.52
CA ARG B 191 -21.32 35.43 -3.83
CA ARG B 191 -21.34 35.46 -3.84
C ARG B 191 -22.10 34.76 -4.96
N VAL B 192 -22.17 33.43 -4.95
CA VAL B 192 -22.78 32.73 -6.09
C VAL B 192 -24.23 32.37 -6.02
N GLY B 193 -24.78 32.37 -4.82
CA GLY B 193 -26.15 31.93 -4.56
C GLY B 193 -26.24 30.39 -4.45
N ALA B 194 -27.47 29.88 -4.60
CA ALA B 194 -27.71 28.44 -4.28
C ALA B 194 -27.50 27.47 -5.38
N ASP B 195 -27.43 27.88 -6.65
CA ASP B 195 -27.39 26.86 -7.70
C ASP B 195 -25.95 26.31 -8.08
N VAL B 196 -24.94 27.01 -7.67
CA VAL B 196 -23.55 26.50 -7.91
C VAL B 196 -23.19 25.59 -6.76
N GLU B 197 -22.66 24.44 -7.11
CA GLU B 197 -22.22 23.50 -6.09
C GLU B 197 -20.87 23.80 -5.54
N ILE B 198 -20.73 23.73 -4.21
CA ILE B 198 -19.45 24.05 -3.56
C ILE B 198 -19.01 22.77 -2.85
N LEU B 199 -17.85 22.25 -3.21
CA LEU B 199 -17.32 20.99 -2.65
C LEU B 199 -16.18 21.41 -1.76
N VAL B 200 -15.84 20.58 -0.72
CA VAL B 200 -14.77 20.93 0.22
C VAL B 200 -13.88 19.73 0.35
N ASP B 201 -12.56 19.93 0.45
CA ASP B 201 -11.62 18.78 0.52
C ASP B 201 -10.55 19.10 1.54
N ALA B 202 -10.45 18.29 2.60
CA ALA B 202 -9.47 18.58 3.67
C ALA B 202 -8.16 17.80 3.54
N ASN B 203 -8.03 17.00 2.47
CA ASN B 203 -6.78 16.19 2.26
C ASN B 203 -6.26 15.54 3.55
N GLN B 204 -7.23 14.93 4.29
CA GLN B 204 -6.85 14.14 5.48
C GLN B 204 -6.31 14.97 6.65
N SER B 205 -6.54 16.31 6.65
CA SER B 205 -5.86 17.24 7.55
C SER B 205 -6.52 17.41 8.87
N LEU B 206 -7.73 16.88 9.07
CA LEU B 206 -8.44 17.09 10.33
C LEU B 206 -8.55 15.85 11.16
N GLY B 207 -8.74 16.05 12.46
CA GLY B 207 -9.24 14.99 13.32
C GLY B 207 -10.74 14.89 13.43
N ARG B 208 -11.26 13.92 14.17
CA ARG B 208 -12.71 13.71 14.15
C ARG B 208 -13.48 14.89 14.72
N HIS B 209 -13.00 15.51 15.85
CA HIS B 209 -13.86 16.59 16.43
C HIS B 209 -13.81 17.83 15.61
N ASP B 210 -12.64 18.19 15.05
CA ASP B 210 -12.68 19.31 14.15
C ASP B 210 -13.44 19.04 12.85
N ALA B 211 -13.49 17.77 12.44
CA ALA B 211 -14.26 17.46 11.21
C ALA B 211 -15.80 17.55 11.52
N LEU B 212 -16.20 17.12 12.73
CA LEU B 212 -17.58 17.30 13.10
C LEU B 212 -17.93 18.77 13.13
N ALA B 213 -17.04 19.64 13.68
CA ALA B 213 -17.39 21.11 13.73
C ALA B 213 -17.44 21.62 12.28
N MET B 214 -16.47 21.14 11.49
CA MET B 214 -16.50 21.61 10.04
C MET B 214 -17.77 21.19 9.30
N LEU B 215 -18.21 19.93 9.56
CA LEU B 215 -19.41 19.43 8.86
C LEU B 215 -20.60 20.28 9.14
N ARG B 216 -20.74 20.79 10.39
CA ARG B 216 -21.86 21.69 10.65
C ARG B 216 -21.86 22.97 9.73
N ILE B 217 -20.64 23.51 9.57
CA ILE B 217 -20.54 24.70 8.63
C ILE B 217 -20.78 24.31 7.20
N LEU B 218 -20.31 23.11 6.80
CA LEU B 218 -20.60 22.72 5.43
C LEU B 218 -22.07 22.53 5.23
N ASP B 219 -22.80 21.98 6.23
CA ASP B 219 -24.24 21.79 6.11
C ASP B 219 -24.96 23.15 6.00
N GLU B 220 -24.55 24.08 6.83
CA GLU B 220 -25.17 25.44 6.79
C GLU B 220 -24.95 26.06 5.40
N ALA B 221 -23.76 25.83 4.81
CA ALA B 221 -23.43 26.46 3.53
C ALA B 221 -23.95 25.64 2.37
N GLY B 222 -24.60 24.51 2.65
CA GLY B 222 -25.18 23.73 1.54
C GLY B 222 -24.15 23.04 0.63
N CYS B 223 -23.02 22.63 1.23
CA CYS B 223 -21.95 22.08 0.41
C CYS B 223 -22.36 20.67 -0.09
N TYR B 224 -21.84 20.34 -1.31
CA TYR B 224 -22.18 19.05 -1.95
C TYR B 224 -21.48 17.85 -1.32
N TRP B 225 -20.21 18.00 -1.01
CA TRP B 225 -19.52 16.86 -0.31
C TRP B 225 -18.35 17.41 0.51
N PHE B 226 -17.89 16.55 1.40
CA PHE B 226 -16.71 16.80 2.34
C PHE B 226 -15.78 15.67 1.97
N GLU B 227 -14.69 16.01 1.25
CA GLU B 227 -13.72 15.04 0.76
C GLU B 227 -12.49 14.91 1.64
N GLU B 228 -12.06 13.65 1.79
CA GLU B 228 -10.94 13.34 2.69
C GLU B 228 -10.99 14.16 3.94
N PRO B 229 -12.11 14.06 4.66
CA PRO B 229 -12.20 14.87 5.89
C PRO B 229 -11.25 14.45 7.01
N LEU B 230 -10.87 13.15 6.96
CA LEU B 230 -10.05 12.53 8.02
C LEU B 230 -8.99 11.66 7.26
N SER B 231 -8.02 11.17 8.04
CA SER B 231 -7.13 10.15 7.53
C SER B 231 -7.95 9.01 6.87
N ILE B 232 -7.48 8.59 5.70
CA ILE B 232 -8.11 7.40 5.07
C ILE B 232 -8.01 6.12 5.91
N ASP B 233 -7.16 6.14 6.92
CA ASP B 233 -7.05 4.97 7.80
C ASP B 233 -8.12 4.92 8.88
N ASP B 234 -8.87 6.02 9.04
CA ASP B 234 -9.87 6.02 10.13
C ASP B 234 -11.26 5.79 9.54
N ILE B 235 -11.63 4.52 9.25
CA ILE B 235 -12.92 4.29 8.66
C ILE B 235 -14.07 4.65 9.65
N GLU B 236 -13.88 4.32 10.95
CA GLU B 236 -14.98 4.64 11.90
C GLU B 236 -15.24 6.16 11.97
N GLY B 237 -14.17 6.97 11.84
CA GLY B 237 -14.43 8.47 11.88
C GLY B 237 -15.33 8.88 10.74
N HIS B 238 -15.12 8.29 9.57
CA HIS B 238 -16.03 8.61 8.42
C HIS B 238 -17.47 8.14 8.71
N ARG B 239 -17.67 6.91 9.28
CA ARG B 239 -19.04 6.55 9.70
C ARG B 239 -19.63 7.58 10.65
N ILE B 240 -18.82 8.05 11.60
CA ILE B 240 -19.35 9.02 12.59
C ILE B 240 -19.82 10.28 11.85
N LEU B 241 -19.04 10.78 10.86
CA LEU B 241 -19.48 11.99 10.15
C LEU B 241 -20.79 11.67 9.33
N ARG B 242 -20.80 10.49 8.68
CA ARG B 242 -22.01 10.18 7.84
C ARG B 242 -23.24 9.98 8.75
N ALA B 243 -23.01 9.50 9.95
CA ALA B 243 -24.09 9.21 10.89
C ALA B 243 -24.79 10.49 11.42
N GLN B 244 -24.25 11.68 11.16
CA GLN B 244 -24.89 12.88 11.47
C GLN B 244 -26.13 13.10 10.61
N GLY B 245 -26.23 12.43 9.48
CA GLY B 245 -27.47 12.52 8.72
C GLY B 245 -27.67 13.82 7.99
N THR B 246 -26.55 14.48 7.66
CA THR B 246 -26.70 15.77 6.95
C THR B 246 -26.83 15.50 5.45
N PRO B 247 -27.23 16.58 4.70
CA PRO B 247 -27.29 16.44 3.23
C PRO B 247 -25.91 16.54 2.56
N VAL B 248 -24.82 16.66 3.34
CA VAL B 248 -23.46 16.82 2.80
C VAL B 248 -22.89 15.39 2.65
N ARG B 249 -22.47 15.01 1.44
CA ARG B 249 -21.89 13.65 1.22
C ARG B 249 -20.53 13.55 1.84
N ILE B 250 -20.21 12.38 2.41
CA ILE B 250 -18.85 12.14 2.85
C ILE B 250 -18.18 11.40 1.69
N ALA B 251 -17.06 12.01 1.23
CA ALA B 251 -16.40 11.50 0.04
C ALA B 251 -14.95 11.17 0.35
N THR B 252 -14.43 10.05 -0.18
CA THR B 252 -13.01 9.74 -0.16
C THR B 252 -12.73 8.75 -1.25
N GLY B 253 -11.40 8.68 -1.55
CA GLY B 253 -10.99 7.60 -2.45
C GLY B 253 -9.71 7.80 -3.27
N GLU B 254 -9.25 9.02 -3.42
CA GLU B 254 -7.95 9.14 -4.17
C GLU B 254 -6.79 8.36 -3.55
N ASN B 255 -6.84 8.14 -2.23
CA ASN B 255 -5.75 7.47 -1.62
C ASN B 255 -6.12 6.05 -1.03
N LEU B 256 -7.24 5.57 -1.49
CA LEU B 256 -7.70 4.16 -1.24
C LEU B 256 -7.51 3.34 -2.46
N TYR B 257 -7.23 2.04 -2.27
CA TYR B 257 -6.76 1.24 -3.47
C TYR B 257 -7.57 -0.05 -3.58
N THR B 258 -8.00 -0.36 -4.82
CA THR B 258 -8.78 -1.56 -5.14
C THR B 258 -10.19 -1.54 -4.51
N ARG B 259 -11.05 -2.41 -5.11
CA ARG B 259 -12.42 -2.44 -4.64
C ARG B 259 -12.45 -2.87 -3.16
N ASN B 260 -11.41 -3.59 -2.71
CA ASN B 260 -11.40 -4.06 -1.29
C ASN B 260 -11.48 -2.92 -0.28
N ALA B 261 -10.77 -1.79 -0.58
CA ALA B 261 -10.84 -0.67 0.35
C ALA B 261 -12.23 -0.11 0.43
N PHE B 262 -12.82 0.04 -0.77
CA PHE B 262 -14.19 0.65 -0.82
C PHE B 262 -15.23 -0.29 -0.22
N ASN B 263 -15.08 -1.60 -0.31
CA ASN B 263 -16.02 -2.50 0.34
C ASN B 263 -15.90 -2.31 1.86
N ASP B 264 -14.70 -2.13 2.42
CA ASP B 264 -14.62 -1.93 3.86
C ASP B 264 -15.34 -0.62 4.32
N TYR B 265 -15.23 0.43 3.50
CA TYR B 265 -16.04 1.64 3.83
C TYR B 265 -17.51 1.43 3.72
N ILE B 266 -17.94 0.76 2.65
CA ILE B 266 -19.38 0.48 2.45
C ILE B 266 -19.92 -0.36 3.63
N ARG B 267 -19.19 -1.42 3.99
CA ARG B 267 -19.69 -2.34 5.00
CA ARG B 267 -19.55 -2.37 5.05
C ARG B 267 -19.80 -1.65 6.33
N ASN B 268 -19.03 -0.59 6.54
CA ASN B 268 -19.09 0.13 7.78
C ASN B 268 -19.91 1.39 7.72
N ASP B 269 -20.68 1.51 6.67
CA ASP B 269 -21.61 2.67 6.55
C ASP B 269 -20.88 4.00 6.62
N ALA B 270 -19.73 4.02 5.94
CA ALA B 270 -18.77 5.06 6.20
C ALA B 270 -18.54 5.95 4.99
N ILE B 271 -19.33 5.78 3.91
CA ILE B 271 -19.03 6.60 2.70
C ILE B 271 -20.28 6.90 1.91
N ASP B 272 -20.38 8.11 1.31
CA ASP B 272 -21.46 8.39 0.33
C ASP B 272 -20.99 8.46 -1.08
N VAL B 273 -19.74 8.99 -1.25
CA VAL B 273 -19.18 9.14 -2.60
C VAL B 273 -17.84 8.48 -2.67
N LEU B 274 -17.77 7.42 -3.49
CA LEU B 274 -16.45 6.71 -3.67
C LEU B 274 -15.69 7.47 -4.75
N GLN B 275 -14.40 7.77 -4.50
CA GLN B 275 -13.71 8.64 -5.47
C GLN B 275 -12.54 7.87 -6.10
N ALA B 276 -12.66 6.54 -6.16
CA ALA B 276 -11.60 5.75 -6.80
C ALA B 276 -11.27 6.28 -8.20
N ASP B 277 -9.99 6.48 -8.45
CA ASP B 277 -9.50 7.10 -9.68
C ASP B 277 -9.04 5.92 -10.55
N ALA B 278 -9.53 5.81 -11.81
CA ALA B 278 -9.09 4.75 -12.69
C ALA B 278 -7.52 4.66 -12.78
N SER B 279 -6.82 5.80 -12.61
CA SER B 279 -5.33 5.84 -12.76
C SER B 279 -4.56 5.57 -11.46
N ARG B 280 -5.30 5.33 -10.33
CA ARG B 280 -4.66 5.07 -9.03
C ARG B 280 -5.16 3.74 -8.36
N ALA B 281 -6.50 3.56 -8.41
CA ALA B 281 -7.05 2.48 -7.58
C ALA B 281 -7.02 1.09 -8.18
N GLY B 282 -6.52 1.02 -9.45
CA GLY B 282 -6.22 -0.30 -10.04
C GLY B 282 -6.41 -0.28 -11.54
N GLY B 283 -6.94 0.81 -12.15
CA GLY B 283 -7.15 0.85 -13.59
C GLY B 283 -8.58 1.10 -13.96
N ILE B 284 -8.86 1.25 -15.27
CA ILE B 284 -10.24 1.21 -15.74
C ILE B 284 -10.89 -0.11 -15.30
N THR B 285 -10.20 -1.23 -15.39
CA THR B 285 -10.85 -2.46 -15.02
C THR B 285 -11.32 -2.40 -13.59
N GLU B 286 -10.51 -1.90 -12.64
CA GLU B 286 -10.93 -1.87 -11.26
C GLU B 286 -11.93 -0.78 -10.96
N ALA B 287 -11.79 0.39 -11.60
CA ALA B 287 -12.76 1.49 -11.33
C ALA B 287 -14.17 1.11 -11.86
N LEU B 288 -14.21 0.30 -12.94
CA LEU B 288 -15.51 -0.23 -13.43
C LEU B 288 -16.24 -1.02 -12.33
N ALA B 289 -15.47 -1.86 -11.69
CA ALA B 289 -16.05 -2.68 -10.62
C ALA B 289 -16.45 -1.85 -9.40
N ILE B 290 -15.58 -0.86 -9.08
CA ILE B 290 -15.98 0.05 -7.97
C ILE B 290 -17.21 0.92 -8.27
N SER B 291 -17.35 1.41 -9.51
CA SER B 291 -18.54 2.20 -9.86
C SER B 291 -19.83 1.36 -9.71
N ALA B 292 -19.72 0.11 -10.20
CA ALA B 292 -20.90 -0.78 -10.11
C ALA B 292 -21.20 -1.12 -8.63
N SER B 293 -20.20 -1.33 -7.80
CA SER B 293 -20.41 -1.68 -6.37
C SER B 293 -21.00 -0.50 -5.71
N ALA B 294 -20.55 0.74 -6.06
CA ALA B 294 -21.19 1.92 -5.46
C ALA B 294 -22.73 1.99 -5.78
N ALA B 295 -23.08 1.76 -7.02
CA ALA B 295 -24.49 1.81 -7.40
C ALA B 295 -25.24 0.73 -6.69
N SER B 296 -24.67 -0.47 -6.65
CA SER B 296 -25.39 -1.55 -5.91
C SER B 296 -25.75 -1.16 -4.48
N ALA B 297 -24.91 -0.40 -3.78
CA ALA B 297 -25.16 0.07 -2.41
C ALA B 297 -25.90 1.39 -2.38
N HIS B 298 -26.45 1.87 -3.50
CA HIS B 298 -27.20 3.12 -3.59
C HIS B 298 -26.31 4.34 -3.17
N LEU B 299 -25.01 4.22 -3.46
CA LEU B 299 -24.09 5.33 -3.28
C LEU B 299 -23.58 5.79 -4.67
N ALA B 300 -22.69 6.78 -4.68
CA ALA B 300 -22.26 7.34 -5.93
C ALA B 300 -20.78 7.09 -6.11
N TRP B 301 -20.34 7.05 -7.36
CA TRP B 301 -18.89 7.01 -7.69
C TRP B 301 -18.62 8.27 -8.47
N ASN B 302 -17.70 9.14 -7.96
CA ASN B 302 -17.31 10.38 -8.68
C ASN B 302 -15.77 10.37 -8.48
N PRO B 303 -14.99 9.94 -9.48
CA PRO B 303 -13.58 9.76 -9.34
C PRO B 303 -12.82 11.05 -9.05
N HIS B 304 -11.77 10.90 -8.28
CA HIS B 304 -10.64 11.82 -8.38
C HIS B 304 -9.98 11.60 -9.78
N THR B 305 -9.52 12.73 -10.38
CA THR B 305 -8.95 12.67 -11.75
C THR B 305 -7.66 13.47 -11.84
N PHE B 306 -7.17 14.03 -10.75
CA PHE B 306 -6.16 15.10 -10.80
C PHE B 306 -4.74 14.61 -10.98
N ASN B 307 -4.21 14.72 -12.21
CA ASN B 307 -2.77 14.59 -12.43
C ASN B 307 -2.45 15.13 -13.84
N ASP B 308 -3.12 14.58 -14.87
CA ASP B 308 -2.70 14.89 -16.27
C ASP B 308 -3.95 14.63 -17.18
N ILE B 309 -3.83 14.96 -18.46
CA ILE B 309 -4.95 14.80 -19.33
C ILE B 309 -5.31 13.29 -19.58
N ILE B 310 -4.35 12.40 -19.40
CA ILE B 310 -4.65 10.97 -19.57
C ILE B 310 -5.47 10.53 -18.34
N THR B 311 -5.12 10.91 -17.14
CA THR B 311 -5.96 10.44 -15.97
C THR B 311 -7.34 11.06 -16.03
N VAL B 312 -7.43 12.33 -16.53
CA VAL B 312 -8.72 12.94 -16.79
C VAL B 312 -9.50 12.12 -17.84
N ALA B 313 -8.93 11.86 -19.03
CA ALA B 313 -9.66 11.20 -20.05
C ALA B 313 -10.03 9.79 -19.68
N ALA B 314 -9.16 9.03 -19.02
CA ALA B 314 -9.48 7.63 -18.71
C ALA B 314 -10.72 7.64 -17.82
N ASN B 315 -10.71 8.49 -16.76
CA ASN B 315 -11.94 8.56 -15.90
C ASN B 315 -13.12 9.07 -16.64
N LEU B 316 -12.97 10.06 -17.55
CA LEU B 316 -14.11 10.62 -18.23
C LEU B 316 -14.84 9.60 -19.11
N HIS B 317 -14.09 8.67 -19.75
CA HIS B 317 -14.78 7.60 -20.51
C HIS B 317 -15.67 6.79 -19.56
N LEU B 318 -15.17 6.41 -18.39
CA LEU B 318 -16.01 5.61 -17.46
C LEU B 318 -17.13 6.43 -16.87
N VAL B 319 -16.89 7.70 -16.52
CA VAL B 319 -17.97 8.52 -15.94
C VAL B 319 -19.08 8.65 -16.99
N ALA B 320 -18.69 8.94 -18.26
CA ALA B 320 -19.75 9.12 -19.24
C ALA B 320 -20.60 7.91 -19.38
N ALA B 321 -20.00 6.73 -19.21
CA ALA B 321 -20.77 5.48 -19.39
C ALA B 321 -21.50 5.03 -18.10
N SER B 322 -21.32 5.68 -16.98
CA SER B 322 -21.88 5.17 -15.71
C SER B 322 -23.07 5.91 -15.25
N PRO B 323 -24.01 5.19 -14.59
CA PRO B 323 -25.27 5.81 -14.10
C PRO B 323 -25.10 6.50 -12.73
N HIS B 324 -24.15 7.40 -12.61
CA HIS B 324 -24.05 8.19 -11.40
C HIS B 324 -24.25 9.67 -11.72
N PRO B 325 -24.68 10.51 -10.80
CA PRO B 325 -24.65 11.93 -11.07
C PRO B 325 -23.24 12.37 -11.36
N ALA B 326 -23.02 13.24 -12.33
CA ALA B 326 -21.67 13.60 -12.68
C ALA B 326 -21.29 14.75 -11.74
N MET B 327 -20.09 14.63 -11.25
CA MET B 327 -19.44 15.74 -10.52
C MET B 327 -17.97 15.55 -10.81
N PHE B 328 -17.59 15.96 -12.03
CA PHE B 328 -16.35 15.43 -12.66
C PHE B 328 -15.17 16.37 -12.46
N GLU B 329 -14.17 15.90 -11.74
CA GLU B 329 -13.04 16.79 -11.37
C GLU B 329 -12.21 17.26 -12.59
N TRP B 330 -12.03 18.61 -12.68
CA TRP B 330 -11.23 19.11 -13.79
C TRP B 330 -10.21 20.08 -13.15
N ASP B 331 -8.96 19.67 -13.21
CA ASP B 331 -7.81 20.51 -12.78
C ASP B 331 -7.68 21.82 -13.57
N ILE B 332 -7.88 22.90 -12.84
CA ILE B 332 -7.74 24.24 -13.48
C ILE B 332 -6.48 24.92 -13.01
N THR B 333 -5.58 24.24 -12.28
CA THR B 333 -4.37 24.86 -11.88
C THR B 333 -3.31 24.90 -13.02
N HIS B 334 -2.14 25.55 -12.76
CA HIS B 334 -1.15 25.61 -13.85
C HIS B 334 -0.57 24.26 -14.06
N ASN B 335 -0.83 23.71 -15.24
CA ASN B 335 -0.39 22.30 -15.48
C ASN B 335 -0.24 22.05 -16.94
N ASP B 336 1.03 22.04 -17.45
CA ASP B 336 1.21 21.83 -18.91
C ASP B 336 0.71 20.46 -19.34
N LEU B 337 0.62 19.50 -18.37
CA LEU B 337 0.13 18.18 -18.81
C LEU B 337 -1.40 18.15 -19.09
N MET B 338 -2.05 19.25 -18.72
CA MET B 338 -3.45 19.47 -19.12
C MET B 338 -3.65 20.21 -20.41
N THR B 339 -2.60 20.84 -20.93
CA THR B 339 -2.82 21.66 -22.15
C THR B 339 -1.96 21.19 -23.33
N ARG B 340 -0.75 20.64 -23.09
CA ARG B 340 0.27 20.48 -24.16
C ARG B 340 0.61 19.02 -24.49
N LEU B 341 0.12 18.09 -23.68
CA LEU B 341 0.48 16.69 -24.01
C LEU B 341 -0.37 16.13 -25.12
N ALA B 342 -1.63 16.52 -25.19
CA ALA B 342 -2.57 15.97 -26.17
C ALA B 342 -3.54 17.04 -26.67
N SER B 343 -4.18 16.73 -27.83
CA SER B 343 -5.08 17.58 -28.51
C SER B 343 -6.49 17.74 -27.88
N TYR B 344 -6.79 16.97 -26.83
CA TYR B 344 -8.07 17.07 -26.12
C TYR B 344 -7.94 18.06 -25.00
N ASP B 345 -8.77 19.09 -25.06
CA ASP B 345 -8.75 20.25 -24.18
C ASP B 345 -10.08 20.42 -23.40
N LEU B 346 -10.02 21.24 -22.38
CA LEU B 346 -11.26 21.76 -21.72
C LEU B 346 -12.20 22.45 -22.67
N LYS B 347 -13.44 22.01 -22.77
CA LYS B 347 -14.49 22.74 -23.53
C LYS B 347 -15.81 22.52 -22.78
N LEU B 348 -16.29 23.59 -22.12
CA LEU B 348 -17.55 23.55 -21.37
C LEU B 348 -18.67 24.09 -22.16
N GLU B 349 -19.80 23.38 -22.16
CA GLU B 349 -21.05 23.95 -22.69
C GLU B 349 -22.13 23.66 -21.67
N ASN B 350 -22.77 24.71 -21.16
CA ASN B 350 -23.75 24.59 -20.08
C ASN B 350 -23.24 23.78 -18.89
N GLY B 351 -21.96 24.00 -18.56
CA GLY B 351 -21.32 23.37 -17.42
C GLY B 351 -20.85 21.94 -17.69
N LEU B 352 -21.05 21.45 -18.92
CA LEU B 352 -20.71 20.02 -19.17
C LEU B 352 -19.49 19.90 -20.11
N VAL B 353 -18.74 18.81 -19.91
CA VAL B 353 -17.69 18.40 -20.83
C VAL B 353 -18.17 17.15 -21.62
N GLN B 354 -17.53 16.92 -22.77
CA GLN B 354 -17.75 15.68 -23.49
C GLN B 354 -16.53 14.81 -23.56
N PRO B 355 -16.70 13.47 -23.52
CA PRO B 355 -15.53 12.61 -23.61
C PRO B 355 -14.85 12.74 -24.97
N PRO B 356 -13.51 12.56 -25.02
CA PRO B 356 -12.86 12.52 -26.33
C PRO B 356 -13.53 11.48 -27.27
N GLN B 357 -13.52 11.77 -28.55
CA GLN B 357 -14.34 10.90 -29.46
C GLN B 357 -13.53 9.93 -30.45
N GLY B 358 -12.21 10.07 -30.43
CA GLY B 358 -11.31 9.18 -31.27
C GLY B 358 -11.25 7.77 -30.67
N PRO B 359 -10.50 6.91 -31.31
CA PRO B 359 -10.28 5.52 -30.81
C PRO B 359 -9.52 5.56 -29.49
N GLY B 360 -9.79 4.52 -28.67
CA GLY B 360 -9.07 4.36 -27.41
C GLY B 360 -9.40 5.49 -26.40
N LEU B 361 -8.38 6.09 -25.80
CA LEU B 361 -8.64 7.30 -24.99
C LEU B 361 -9.19 8.45 -25.80
N GLY B 362 -8.89 8.45 -27.12
CA GLY B 362 -9.63 9.33 -28.01
C GLY B 362 -8.87 10.54 -28.52
N PHE B 363 -7.58 10.55 -28.28
CA PHE B 363 -6.74 11.65 -28.86
C PHE B 363 -5.36 11.13 -29.12
N GLU B 364 -4.54 11.99 -29.73
CA GLU B 364 -3.17 11.59 -29.98
C GLU B 364 -2.22 12.37 -29.05
N ILE B 365 -1.12 11.71 -28.78
CA ILE B 365 -0.09 12.34 -27.95
C ILE B 365 0.82 13.24 -28.81
N ASP B 366 1.27 14.38 -28.27
CA ASP B 366 2.39 15.19 -28.90
C ASP B 366 3.69 14.60 -28.44
N TRP B 367 4.26 13.73 -29.28
CA TRP B 367 5.51 13.02 -28.86
C TRP B 367 6.72 14.00 -28.81
N ASP B 368 6.61 15.15 -29.52
CA ASP B 368 7.72 16.13 -29.43
C ASP B 368 7.68 16.84 -28.07
N PHE B 369 6.46 17.07 -27.51
CA PHE B 369 6.35 17.60 -26.17
C PHE B 369 6.91 16.56 -25.14
N VAL B 370 6.58 15.29 -25.35
CA VAL B 370 7.09 14.21 -24.48
C VAL B 370 8.62 14.24 -24.50
N ALA B 371 9.19 14.32 -25.70
CA ALA B 371 10.63 14.18 -25.79
C ALA B 371 11.31 15.40 -25.15
N ALA B 372 10.64 16.54 -25.15
CA ALA B 372 11.25 17.75 -24.55
C ALA B 372 11.04 17.92 -23.04
N HIS B 373 10.25 17.06 -22.35
CA HIS B 373 10.00 17.23 -20.95
C HIS B 373 10.44 16.03 -20.15
N ALA B 374 11.53 15.40 -20.54
CA ALA B 374 12.07 14.31 -19.70
C ALA B 374 12.39 14.75 -18.29
N TRP B 375 11.89 14.01 -17.27
CA TRP B 375 12.32 14.27 -15.89
C TRP B 375 13.79 14.27 -15.62
N LYS B 376 14.27 15.26 -14.87
CA LYS B 376 15.69 15.33 -14.52
C LYS B 376 15.91 15.34 -13.03
N GLY B 377 14.95 14.80 -12.25
CA GLY B 377 15.14 14.71 -10.81
C GLY B 377 14.43 15.80 -10.01
N GLU B 378 13.66 16.65 -10.69
CA GLU B 378 12.86 17.68 -9.99
C GLU B 378 11.91 16.99 -9.03
N PRO B 379 11.65 17.64 -7.88
CA PRO B 379 10.55 17.22 -6.94
C PRO B 379 9.12 17.56 -7.50
N ALA B 380 8.10 16.74 -7.27
CA ALA B 380 6.77 17.11 -7.69
C ALA B 380 6.08 18.01 -6.64
N ILE B 381 6.30 17.76 -5.34
CA ILE B 381 5.43 18.33 -4.28
C ILE B 381 6.22 18.35 -2.97
N GLY B 382 6.03 19.46 -2.26
CA GLY B 382 6.72 19.61 -0.96
C GLY B 382 6.07 18.66 0.03
N ALA B 383 6.62 18.64 1.25
CA ALA B 383 6.13 17.66 2.27
C ALA B 383 4.66 17.93 2.58
N GLY B 384 3.92 16.84 2.71
CA GLY B 384 2.50 16.92 2.95
C GLY B 384 2.23 17.15 4.45
N HIS B 385 0.96 17.35 4.72
CA HIS B 385 0.55 17.71 6.07
C HIS B 385 -0.12 16.51 6.74
N GLY B 386 -0.44 16.69 8.02
CA GLY B 386 -1.02 15.61 8.78
C GLY B 386 -0.34 15.54 10.14
N MET B 387 0.89 16.02 10.25
CA MET B 387 1.50 16.14 11.57
C MET B 387 0.74 17.05 12.53
N LYS B 388 0.11 18.14 12.06
CA LYS B 388 -0.66 18.96 13.01
C LYS B 388 -1.80 18.22 13.69
N LYS B 389 -2.64 17.57 12.90
CA LYS B 389 -3.78 16.93 13.54
C LYS B 389 -3.26 15.69 14.29
N GLU B 390 -2.14 15.12 13.82
CA GLU B 390 -1.48 14.01 14.57
C GLU B 390 -1.17 14.47 16.02
N GLY B 391 -0.79 15.72 16.19
CA GLY B 391 -0.59 16.30 17.52
C GLY B 391 0.61 17.23 17.61
N HIS B 392 1.35 17.46 16.50
CA HIS B 392 2.56 18.32 16.55
C HIS B 392 2.15 19.78 16.52
N HIS B 393 2.48 20.49 17.61
CA HIS B 393 2.06 21.92 17.82
C HIS B 393 2.71 22.74 16.71
NA NA C . 3.63 -16.49 6.52
NA NA D . -8.73 15.34 -3.25
#